data_3ONY
#
_entry.id   3ONY
#
_cell.length_a   80.529
_cell.length_b   115.905
_cell.length_c   267.801
_cell.angle_alpha   90.00
_cell.angle_beta   90.00
_cell.angle_gamma   90.00
#
_symmetry.space_group_name_H-M   'C 2 2 21'
#
loop_
_entity.id
_entity.type
_entity.pdbx_description
1 polymer 'Capsid protein'
2 non-polymer 1,2-ETHANEDIOL
3 non-polymer alpha-L-fucopyranose
4 water water
#
_entity_poly.entity_id   1
_entity_poly.type   'polypeptide(L)'
_entity_poly.pdbx_seq_one_letter_code
;GPGSKPFTLPILTLGELTNSRFPLPIDVLYTNPNESAIVQCQNGRCTLDGELQGTTQLLPTGICAFRGKVTQQVQDEHRG
THWNMTVTNLNGTPFDPTEDVPAPLGTPDFSGQIYGVISQRNTNTVPGEGNLPANRAHEAVIATYSPKFTPKLGNIQFST
WETQDVSSGQPTKFTPVGLASVDANSHFDQWTLPSYSGALTLNMNLAPSVAPVFPGECLLFFRSFIPLKGGYGNPAIDCL
MPQEWVQHLYQESAPSLSDVALVRYVNPETGRTLFEAKLHRNGFLTVARNSAGPVVAPTNGYFRFDSWVNQFYTLAPM
;
_entity_poly.pdbx_strand_id   A,B,C
#
loop_
_chem_comp.id
_chem_comp.type
_chem_comp.name
_chem_comp.formula
EDO non-polymer 1,2-ETHANEDIOL 'C2 H6 O2'
FUC L-saccharide, alpha linking alpha-L-fucopyranose 'C6 H12 O5'
#
# COMPACT_ATOMS: atom_id res chain seq x y z
N SER A 4 35.33 -1.45 -14.00
CA SER A 4 33.94 -1.90 -14.01
C SER A 4 33.10 -1.12 -13.01
N LYS A 5 32.20 -0.29 -13.50
CA LYS A 5 31.29 0.43 -12.62
C LYS A 5 30.48 -0.54 -11.76
N PRO A 6 30.63 -0.46 -10.43
CA PRO A 6 29.90 -1.36 -9.52
C PRO A 6 28.38 -1.20 -9.61
N PHE A 7 27.68 -2.30 -9.37
CA PHE A 7 26.23 -2.32 -9.40
C PHE A 7 25.66 -1.76 -8.11
N THR A 8 24.60 -0.95 -8.22
CA THR A 8 23.93 -0.44 -7.02
C THR A 8 22.42 -0.35 -7.24
N LEU A 9 21.68 -0.35 -6.14
CA LEU A 9 20.27 -0.03 -6.16
C LEU A 9 20.10 1.31 -5.47
N PRO A 10 19.04 2.06 -5.81
CA PRO A 10 18.80 3.30 -5.09
C PRO A 10 18.38 2.99 -3.65
N ILE A 11 18.56 3.94 -2.73
CA ILE A 11 18.17 3.73 -1.35
C ILE A 11 16.80 4.36 -1.12
N LEU A 12 15.78 3.53 -1.18
CA LEU A 12 14.40 4.00 -1.17
C LEU A 12 13.53 3.00 -0.45
N THR A 13 12.78 3.45 0.55
CA THR A 13 11.85 2.60 1.26
C THR A 13 10.67 2.33 0.34
N LEU A 14 9.79 1.41 0.71
CA LEU A 14 8.62 1.12 -0.11
C LEU A 14 7.74 2.35 -0.27
N GLY A 15 7.71 3.18 0.77
CA GLY A 15 6.91 4.39 0.74
C GLY A 15 7.56 5.50 -0.10
N GLU A 16 8.70 5.21 -0.71
CA GLU A 16 9.37 6.16 -1.61
C GLU A 16 9.50 5.60 -3.03
N LEU A 17 8.75 4.53 -3.33
CA LEU A 17 8.82 3.89 -4.64
C LEU A 17 7.45 3.96 -5.36
N THR A 18 7.47 3.88 -6.68
CA THR A 18 6.22 3.81 -7.43
C THR A 18 6.21 2.64 -8.40
N ASN A 19 5.01 2.25 -8.78
CA ASN A 19 4.80 1.06 -9.59
C ASN A 19 5.20 1.38 -11.01
N SER A 20 5.81 0.41 -11.69
CA SER A 20 6.26 0.63 -13.07
C SER A 20 5.20 0.21 -14.10
N ARG A 21 4.05 -0.29 -13.64
CA ARG A 21 3.03 -0.79 -14.57
C ARG A 21 1.76 0.02 -14.53
N PHE A 22 1.64 0.87 -13.51
CA PHE A 22 0.52 1.82 -13.39
C PHE A 22 0.98 2.95 -12.47
N PRO A 23 0.51 4.18 -12.71
CA PRO A 23 0.96 5.33 -11.87
C PRO A 23 0.38 5.32 -10.46
N LEU A 24 1.02 4.52 -9.60
CA LEU A 24 0.54 4.29 -8.26
C LEU A 24 1.75 4.18 -7.36
N PRO A 25 1.61 4.54 -6.07
CA PRO A 25 2.69 4.25 -5.14
C PRO A 25 2.79 2.76 -4.89
N ILE A 26 3.97 2.27 -4.51
CA ILE A 26 4.07 0.87 -4.03
C ILE A 26 3.48 0.78 -2.63
N ASP A 27 2.65 -0.22 -2.43
CA ASP A 27 1.97 -0.43 -1.15
C ASP A 27 2.61 -1.55 -0.29
N VAL A 28 2.94 -2.68 -0.91
CA VAL A 28 3.53 -3.82 -0.16
C VAL A 28 4.35 -4.68 -1.09
N LEU A 29 5.30 -5.42 -0.53
CA LEU A 29 5.95 -6.51 -1.24
C LEU A 29 5.02 -7.72 -1.11
N TYR A 30 5.03 -8.61 -2.11
CA TYR A 30 3.97 -9.63 -2.20
C TYR A 30 4.47 -10.87 -2.91
N THR A 31 4.03 -12.07 -2.50
CA THR A 31 4.38 -13.28 -3.26
C THR A 31 3.09 -14.05 -3.50
N ASN A 32 3.12 -14.91 -4.51
CA ASN A 32 1.98 -15.78 -4.79
C ASN A 32 2.52 -17.04 -5.46
N PRO A 33 3.14 -17.92 -4.66
CA PRO A 33 3.86 -19.08 -5.19
C PRO A 33 3.05 -19.94 -6.14
N ASN A 34 1.74 -20.05 -5.92
CA ASN A 34 0.93 -20.97 -6.71
C ASN A 34 0.26 -20.36 -7.94
N GLU A 35 0.72 -19.18 -8.34
CA GLU A 35 0.26 -18.54 -9.56
C GLU A 35 0.35 -19.49 -10.75
N SER A 36 -0.76 -19.66 -11.46
CA SER A 36 -0.78 -20.53 -12.65
C SER A 36 -0.43 -19.80 -13.96
N ALA A 37 -0.61 -18.48 -13.98
CA ALA A 37 -0.35 -17.69 -15.18
C ALA A 37 1.14 -17.52 -15.46
N ILE A 38 1.48 -17.38 -16.74
CA ILE A 38 2.82 -16.99 -17.14
C ILE A 38 2.99 -15.52 -16.84
N VAL A 39 4.07 -15.15 -16.16
CA VAL A 39 4.33 -13.73 -15.83
C VAL A 39 5.20 -13.14 -16.92
N GLN A 40 4.62 -12.23 -17.70
CA GLN A 40 5.33 -11.67 -18.84
C GLN A 40 4.88 -10.22 -19.11
N CYS A 41 4.84 -9.42 -18.05
CA CYS A 41 4.47 -8.01 -18.18
C CYS A 41 5.49 -7.27 -19.07
N GLN A 42 5.07 -6.15 -19.65
CA GLN A 42 5.88 -5.48 -20.65
C GLN A 42 6.36 -4.10 -20.19
N ASN A 43 5.70 -3.55 -19.18
CA ASN A 43 6.16 -2.34 -18.52
C ASN A 43 6.93 -2.70 -17.26
N GLY A 44 7.86 -1.84 -16.84
CA GLY A 44 8.69 -2.16 -15.69
C GLY A 44 9.67 -3.27 -16.02
N ARG A 45 10.11 -3.34 -17.28
CA ARG A 45 11.07 -4.35 -17.69
C ARG A 45 12.41 -3.70 -18.03
N CYS A 46 13.47 -4.13 -17.35
CA CYS A 46 14.80 -3.55 -17.56
C CYS A 46 15.84 -4.54 -17.06
N THR A 47 16.85 -4.81 -17.87
CA THR A 47 17.93 -5.71 -17.44
C THR A 47 18.76 -5.00 -16.37
N LEU A 48 19.56 -5.77 -15.63
CA LEU A 48 20.33 -5.17 -14.54
C LEU A 48 21.40 -4.23 -15.07
N ASP A 49 21.78 -4.38 -16.34
CA ASP A 49 22.79 -3.51 -16.91
C ASP A 49 22.15 -2.33 -17.66
N GLY A 50 20.84 -2.16 -17.49
CA GLY A 50 20.18 -0.92 -17.86
C GLY A 50 19.55 -0.87 -19.24
N GLU A 51 19.19 -2.02 -19.79
CA GLU A 51 18.52 -2.07 -21.09
C GLU A 51 17.01 -2.22 -20.91
N LEU A 52 16.26 -1.16 -21.25
CA LEU A 52 14.80 -1.23 -21.22
C LEU A 52 14.29 -2.29 -22.18
N GLN A 53 13.22 -2.99 -21.81
CA GLN A 53 12.65 -4.01 -22.68
C GLN A 53 11.15 -3.83 -22.76
N GLY A 54 10.49 -4.61 -23.63
CA GLY A 54 9.05 -4.54 -23.78
C GLY A 54 8.58 -3.16 -24.20
N THR A 55 7.53 -2.66 -23.56
CA THR A 55 7.02 -1.33 -23.85
C THR A 55 7.52 -0.32 -22.79
N THR A 56 8.60 -0.66 -22.08
CA THR A 56 9.04 0.16 -20.95
C THR A 56 9.69 1.48 -21.38
N GLN A 57 9.27 2.57 -20.75
CA GLN A 57 9.93 3.86 -20.94
C GLN A 57 10.14 4.51 -19.58
N LEU A 58 10.80 5.66 -19.56
CA LEU A 58 11.34 6.19 -18.31
C LEU A 58 10.38 7.08 -17.52
N LEU A 59 9.44 7.73 -18.19
CA LEU A 59 8.57 8.70 -17.50
C LEU A 59 7.46 8.06 -16.66
N PRO A 60 7.35 8.47 -15.39
CA PRO A 60 6.21 8.02 -14.58
C PRO A 60 4.89 8.40 -15.22
N THR A 61 4.87 9.54 -15.91
CA THR A 61 3.65 10.03 -16.54
C THR A 61 3.32 9.29 -17.84
N GLY A 62 4.24 8.45 -18.31
CA GLY A 62 4.06 7.74 -19.58
C GLY A 62 3.44 6.35 -19.41
N ILE A 63 3.37 5.87 -18.17
CA ILE A 63 2.91 4.51 -17.92
C ILE A 63 1.40 4.45 -18.09
N CYS A 64 0.96 3.64 -19.06
CA CYS A 64 -0.47 3.51 -19.41
C CYS A 64 -1.08 4.81 -19.95
N ALA A 65 -0.25 5.66 -20.51
CA ALA A 65 -0.71 6.90 -21.13
C ALA A 65 -0.79 6.69 -22.63
N PHE A 66 -1.60 7.51 -23.30
CA PHE A 66 -1.64 7.54 -24.76
C PHE A 66 -1.65 8.99 -25.21
N ARG A 67 -1.14 9.22 -26.42
CA ARG A 67 -1.16 10.53 -27.04
C ARG A 67 -1.52 10.31 -28.51
N GLY A 68 -2.28 11.22 -29.11
CA GLY A 68 -2.76 11.01 -30.47
C GLY A 68 -3.84 12.01 -30.83
N LYS A 69 -4.70 11.64 -31.77
CA LYS A 69 -5.81 12.49 -32.20
C LYS A 69 -7.07 11.65 -32.38
N VAL A 70 -8.21 12.17 -31.95
CA VAL A 70 -9.49 11.50 -32.18
C VAL A 70 -9.80 11.64 -33.67
N THR A 71 -10.23 10.55 -34.33
CA THR A 71 -10.54 10.61 -35.76
C THR A 71 -12.04 10.72 -36.01
N GLN A 72 -12.83 10.00 -35.23
CA GLN A 72 -14.29 10.05 -35.38
C GLN A 72 -15.02 9.37 -34.23
N GLN A 73 -16.29 9.70 -34.06
CA GLN A 73 -17.18 8.94 -33.21
C GLN A 73 -17.55 7.68 -33.98
N VAL A 74 -17.68 6.56 -33.28
CA VAL A 74 -17.92 5.27 -33.94
C VAL A 74 -19.18 4.58 -33.42
N GLY A 80 -22.63 3.15 -23.97
CA GLY A 80 -22.11 4.51 -23.91
C GLY A 80 -21.73 5.03 -25.30
N THR A 81 -20.91 6.06 -25.32
CA THR A 81 -20.43 6.62 -26.58
C THR A 81 -19.00 6.14 -26.84
N HIS A 82 -18.68 5.88 -28.11
CA HIS A 82 -17.37 5.34 -28.46
C HIS A 82 -16.65 6.21 -29.48
N TRP A 83 -15.33 6.26 -29.38
CA TRP A 83 -14.50 7.14 -30.19
C TRP A 83 -13.26 6.40 -30.65
N ASN A 84 -12.82 6.65 -31.87
CA ASN A 84 -11.59 6.08 -32.37
C ASN A 84 -10.51 7.14 -32.33
N MET A 85 -9.30 6.76 -31.95
CA MET A 85 -8.20 7.71 -31.90
C MET A 85 -6.91 7.08 -32.40
N THR A 86 -6.20 7.79 -33.26
CA THR A 86 -4.86 7.37 -33.64
C THR A 86 -3.95 7.58 -32.43
N VAL A 87 -2.94 6.73 -32.28
CA VAL A 87 -1.94 6.93 -31.24
C VAL A 87 -0.53 7.09 -31.86
N THR A 88 0.19 8.07 -31.32
CA THR A 88 1.56 8.33 -31.70
C THR A 88 2.48 7.80 -30.60
N ASN A 89 3.78 7.96 -30.78
CA ASN A 89 4.70 7.82 -29.66
C ASN A 89 4.35 8.88 -28.64
N LEU A 90 4.68 8.65 -27.37
CA LEU A 90 4.33 9.64 -26.36
C LEU A 90 5.03 10.98 -26.57
N ASN A 91 6.15 10.99 -27.29
CA ASN A 91 6.85 12.25 -27.54
C ASN A 91 6.28 12.98 -28.75
N GLY A 92 5.19 12.46 -29.31
CA GLY A 92 4.47 13.15 -30.37
C GLY A 92 4.81 12.72 -31.78
N THR A 93 5.95 12.06 -31.97
CA THR A 93 6.34 11.57 -33.29
C THR A 93 5.46 10.41 -33.72
N PRO A 94 5.30 10.22 -35.03
CA PRO A 94 4.49 9.10 -35.54
C PRO A 94 5.04 7.78 -35.05
N PHE A 95 4.17 6.89 -34.59
CA PHE A 95 4.60 5.55 -34.23
C PHE A 95 4.85 4.74 -35.48
N ASP A 96 6.01 4.10 -35.52
CA ASP A 96 6.43 3.31 -36.65
C ASP A 96 6.30 1.82 -36.31
N PRO A 97 5.25 1.16 -36.82
CA PRO A 97 5.01 -0.27 -36.55
C PRO A 97 6.20 -1.18 -36.83
N THR A 98 7.22 -0.68 -37.53
CA THR A 98 8.37 -1.50 -37.87
C THR A 98 9.48 -1.46 -36.81
N GLU A 99 9.38 -0.53 -35.86
CA GLU A 99 10.28 -0.51 -34.71
C GLU A 99 10.11 -1.82 -33.93
N ASP A 100 11.19 -2.30 -33.33
CA ASP A 100 11.20 -3.60 -32.64
C ASP A 100 10.70 -3.47 -31.20
N VAL A 101 9.46 -3.03 -31.07
CA VAL A 101 8.78 -2.99 -29.79
C VAL A 101 7.37 -3.55 -30.00
N PRO A 102 6.74 -4.05 -28.92
CA PRO A 102 5.40 -4.63 -29.01
C PRO A 102 4.33 -3.62 -29.40
N ALA A 103 4.59 -2.35 -29.10
CA ALA A 103 3.58 -1.30 -29.15
C ALA A 103 4.25 0.01 -28.75
N PRO A 104 3.54 1.15 -28.89
CA PRO A 104 4.18 2.39 -28.45
C PRO A 104 4.61 2.25 -26.98
N LEU A 105 5.79 2.77 -26.63
CA LEU A 105 6.24 2.66 -25.25
C LEU A 105 5.21 3.32 -24.34
N GLY A 106 4.91 2.69 -23.21
CA GLY A 106 3.92 3.19 -22.28
C GLY A 106 2.57 2.50 -22.37
N THR A 107 2.29 1.88 -23.52
CA THR A 107 1.04 1.12 -23.72
C THR A 107 0.77 0.17 -22.54
N PRO A 108 -0.47 0.14 -22.04
CA PRO A 108 -0.81 -0.82 -20.97
C PRO A 108 -0.40 -2.26 -21.31
N ASP A 109 -0.01 -3.06 -20.31
CA ASP A 109 0.44 -4.43 -20.59
C ASP A 109 -0.46 -5.49 -19.96
N PHE A 110 -1.73 -5.17 -19.73
CA PHE A 110 -2.64 -6.14 -19.15
C PHE A 110 -4.04 -5.96 -19.69
N SER A 111 -4.83 -7.02 -19.61
CA SER A 111 -6.23 -7.01 -20.03
C SER A 111 -7.07 -6.32 -18.97
N GLY A 112 -7.94 -5.41 -19.38
CA GLY A 112 -8.84 -4.76 -18.45
C GLY A 112 -9.50 -3.51 -19.02
N GLN A 113 -10.41 -2.94 -18.24
CA GLN A 113 -11.03 -1.67 -18.58
C GLN A 113 -10.33 -0.55 -17.83
N ILE A 114 -9.44 0.13 -18.53
CA ILE A 114 -8.62 1.16 -17.89
C ILE A 114 -9.39 2.47 -17.89
N TYR A 115 -9.58 3.01 -16.70
CA TYR A 115 -10.36 4.22 -16.47
C TYR A 115 -9.42 5.40 -16.34
N GLY A 116 -9.72 6.52 -17.00
CA GLY A 116 -8.87 7.69 -16.92
C GLY A 116 -9.57 8.91 -17.47
N VAL A 117 -8.79 9.93 -17.85
CA VAL A 117 -9.37 11.14 -18.42
C VAL A 117 -8.78 11.41 -19.79
N ILE A 118 -9.65 11.62 -20.76
CA ILE A 118 -9.22 12.09 -22.07
C ILE A 118 -9.29 13.62 -22.08
N SER A 119 -8.18 14.28 -22.40
CA SER A 119 -8.19 15.73 -22.53
C SER A 119 -7.68 16.15 -23.90
N GLN A 120 -8.12 17.34 -24.34
CA GLN A 120 -7.77 17.86 -25.64
C GLN A 120 -7.47 19.35 -25.55
N ARG A 121 -6.45 19.76 -26.28
CA ARG A 121 -6.14 21.18 -26.49
C ARG A 121 -6.01 21.40 -27.98
N ASN A 122 -6.96 22.13 -28.55
CA ASN A 122 -6.99 22.34 -29.99
C ASN A 122 -5.70 22.96 -30.52
N THR A 123 -5.41 22.69 -31.79
CA THR A 123 -4.27 23.28 -32.48
C THR A 123 -4.61 24.68 -32.99
N ASN A 124 -5.83 24.86 -33.46
CA ASN A 124 -6.28 26.16 -33.96
C ASN A 124 -6.70 27.07 -32.83
N THR A 125 -6.29 28.33 -32.92
CA THR A 125 -6.62 29.31 -31.89
C THR A 125 -7.64 30.31 -32.40
N VAL A 126 -8.34 30.97 -31.47
CA VAL A 126 -9.35 31.96 -31.82
C VAL A 126 -8.86 33.36 -31.49
N PRO A 127 -8.81 34.25 -32.50
CA PRO A 127 -8.35 35.63 -32.35
C PRO A 127 -9.13 36.43 -31.31
N GLY A 128 -10.42 36.13 -31.16
CA GLY A 128 -11.26 36.81 -30.19
C GLY A 128 -10.95 36.39 -28.77
N GLU A 129 -10.25 35.26 -28.65
CA GLU A 129 -9.89 34.71 -27.35
C GLU A 129 -8.41 34.95 -27.04
N GLY A 130 -7.86 36.06 -27.51
CA GLY A 130 -6.46 36.37 -27.32
C GLY A 130 -5.58 35.39 -28.07
N ASN A 131 -6.16 34.75 -29.09
CA ASN A 131 -5.50 33.71 -29.86
C ASN A 131 -5.12 32.52 -28.99
N LEU A 132 -6.11 32.00 -28.26
CA LEU A 132 -5.92 30.83 -27.40
C LEU A 132 -6.85 29.69 -27.82
N PRO A 133 -6.41 28.44 -27.64
CA PRO A 133 -7.17 27.28 -28.10
C PRO A 133 -8.29 26.88 -27.13
N ALA A 134 -9.32 26.23 -27.66
CA ALA A 134 -10.38 25.64 -26.84
C ALA A 134 -9.95 24.28 -26.28
N ASN A 135 -10.50 23.93 -25.12
CA ASN A 135 -10.14 22.70 -24.42
C ASN A 135 -11.37 21.92 -23.97
N ARG A 136 -11.21 20.62 -23.81
CA ARG A 136 -12.20 19.80 -23.13
C ARG A 136 -11.54 18.56 -22.51
N ALA A 137 -12.08 18.10 -21.39
CA ALA A 137 -11.65 16.85 -20.80
C ALA A 137 -12.86 16.07 -20.30
N HIS A 138 -12.83 14.75 -20.41
CA HIS A 138 -13.91 13.91 -19.92
C HIS A 138 -13.38 12.55 -19.47
N GLU A 139 -14.04 11.97 -18.48
CA GLU A 139 -13.77 10.60 -18.10
C GLU A 139 -13.85 9.70 -19.31
N ALA A 140 -13.05 8.64 -19.32
CA ALA A 140 -13.02 7.72 -20.45
C ALA A 140 -12.55 6.34 -20.01
N VAL A 141 -12.88 5.32 -20.81
CA VAL A 141 -12.47 3.96 -20.52
C VAL A 141 -11.88 3.35 -21.78
N ILE A 142 -10.74 2.68 -21.62
CA ILE A 142 -10.12 1.94 -22.72
C ILE A 142 -10.12 0.45 -22.38
N ALA A 143 -10.82 -0.35 -23.17
CA ALA A 143 -10.86 -1.78 -22.98
C ALA A 143 -9.70 -2.39 -23.76
N THR A 144 -8.68 -2.86 -23.06
CA THR A 144 -7.47 -3.34 -23.71
C THR A 144 -7.62 -4.74 -24.31
N TYR A 145 -8.70 -5.44 -23.96
CA TYR A 145 -8.97 -6.79 -24.49
C TYR A 145 -9.83 -6.75 -25.74
N SER A 146 -10.31 -5.56 -26.10
CA SER A 146 -11.19 -5.39 -27.26
C SER A 146 -10.42 -5.54 -28.58
N PRO A 147 -11.10 -6.02 -29.63
CA PRO A 147 -10.41 -6.15 -30.91
C PRO A 147 -10.14 -4.80 -31.57
N LYS A 148 -10.76 -3.74 -31.04
CA LYS A 148 -10.46 -2.38 -31.47
C LYS A 148 -9.25 -1.78 -30.73
N PHE A 149 -8.65 -2.55 -29.83
CA PHE A 149 -7.43 -2.09 -29.15
C PHE A 149 -6.21 -2.56 -29.95
N THR A 150 -5.76 -1.72 -30.88
CA THR A 150 -4.66 -2.09 -31.75
C THR A 150 -3.57 -1.01 -31.78
N PRO A 151 -2.98 -0.72 -30.61
CA PRO A 151 -1.97 0.34 -30.53
C PRO A 151 -0.76 0.08 -31.42
N LYS A 152 -0.42 -1.19 -31.65
CA LYS A 152 0.69 -1.52 -32.54
C LYS A 152 0.39 -1.11 -33.98
N LEU A 153 -0.90 -1.02 -34.32
CA LEU A 153 -1.30 -0.57 -35.64
C LEU A 153 -1.61 0.94 -35.64
N GLY A 154 -1.42 1.58 -34.50
CA GLY A 154 -1.54 3.04 -34.40
C GLY A 154 -2.95 3.57 -34.13
N ASN A 155 -3.85 2.70 -33.70
CA ASN A 155 -5.23 3.10 -33.46
C ASN A 155 -5.83 2.36 -32.27
N ILE A 156 -6.50 3.08 -31.39
CA ILE A 156 -7.29 2.46 -30.33
C ILE A 156 -8.68 3.08 -30.27
N GLN A 157 -9.50 2.54 -29.39
CA GLN A 157 -10.83 3.07 -29.19
C GLN A 157 -11.02 3.33 -27.70
N PHE A 158 -11.75 4.39 -27.36
CA PHE A 158 -12.14 4.59 -25.98
C PHE A 158 -13.62 4.95 -25.93
N SER A 159 -14.23 4.82 -24.76
CA SER A 159 -15.62 5.20 -24.58
C SER A 159 -15.74 6.25 -23.50
N THR A 160 -16.84 7.01 -23.54
CA THR A 160 -17.10 8.06 -22.58
C THR A 160 -18.56 7.97 -22.11
N TRP A 161 -18.84 8.55 -20.94
CA TRP A 161 -20.21 8.74 -20.49
C TRP A 161 -20.79 9.95 -21.20
N GLU A 162 -19.96 10.98 -21.35
CA GLU A 162 -20.28 12.14 -22.17
C GLU A 162 -20.70 11.66 -23.55
N THR A 163 -21.60 12.38 -24.20
CA THR A 163 -22.16 11.89 -25.46
C THR A 163 -21.75 12.67 -26.70
N GLN A 164 -21.04 13.78 -26.56
CA GLN A 164 -20.78 14.61 -27.73
C GLN A 164 -19.58 15.55 -27.65
N ASP A 165 -19.15 15.90 -26.45
CA ASP A 165 -18.15 16.96 -26.30
C ASP A 165 -16.73 16.42 -26.42
N VAL A 166 -16.47 15.74 -27.53
CA VAL A 166 -15.13 15.28 -27.90
C VAL A 166 -14.92 15.62 -29.38
N SER A 167 -13.82 16.29 -29.68
CA SER A 167 -13.59 16.84 -31.01
C SER A 167 -12.65 15.98 -31.87
N SER A 168 -12.97 15.86 -33.15
CA SER A 168 -12.14 15.12 -34.09
C SER A 168 -10.98 15.97 -34.57
N GLY A 169 -9.84 15.32 -34.83
CA GLY A 169 -8.68 15.98 -35.43
C GLY A 169 -7.90 16.86 -34.48
N GLN A 170 -8.20 16.80 -33.19
CA GLN A 170 -7.53 17.64 -32.20
C GLN A 170 -6.60 16.82 -31.30
N PRO A 171 -5.47 17.41 -30.87
CA PRO A 171 -4.50 16.72 -29.99
C PRO A 171 -5.17 16.18 -28.74
N THR A 172 -4.91 14.90 -28.45
CA THR A 172 -5.63 14.20 -27.40
C THR A 172 -4.66 13.45 -26.50
N LYS A 173 -4.93 13.50 -25.21
CA LYS A 173 -4.08 12.90 -24.19
C LYS A 173 -4.93 11.99 -23.30
N PHE A 174 -4.46 10.79 -23.01
CA PHE A 174 -5.13 9.94 -22.04
C PHE A 174 -4.31 9.91 -20.77
N THR A 175 -4.90 10.34 -19.67
CA THR A 175 -4.26 10.27 -18.36
C THR A 175 -4.90 9.13 -17.58
N PRO A 176 -4.15 8.06 -17.29
CA PRO A 176 -4.79 6.93 -16.60
C PRO A 176 -5.10 7.25 -15.12
N VAL A 177 -6.14 6.65 -14.55
CA VAL A 177 -6.47 6.87 -13.15
C VAL A 177 -6.69 5.57 -12.36
N GLY A 178 -7.35 4.60 -12.99
CA GLY A 178 -7.65 3.34 -12.33
C GLY A 178 -8.32 2.35 -13.28
N LEU A 179 -9.15 1.48 -12.73
CA LEU A 179 -9.95 0.57 -13.54
C LEU A 179 -11.40 1.00 -13.45
N ALA A 180 -12.16 0.72 -14.50
CA ALA A 180 -13.58 1.05 -14.53
C ALA A 180 -14.35 0.02 -13.70
N SER A 181 -13.91 -1.23 -13.76
CA SER A 181 -14.62 -2.34 -13.13
C SER A 181 -13.70 -3.55 -13.04
N VAL A 182 -13.99 -4.46 -12.11
CA VAL A 182 -13.35 -5.77 -12.09
C VAL A 182 -14.37 -6.91 -12.04
N ASP A 183 -15.60 -6.63 -12.48
CA ASP A 183 -16.61 -7.70 -12.50
C ASP A 183 -16.24 -8.69 -13.61
N ALA A 184 -16.89 -9.85 -13.62
CA ALA A 184 -16.53 -10.91 -14.58
C ALA A 184 -16.47 -10.34 -15.99
N ASN A 185 -17.44 -9.48 -16.30
CA ASN A 185 -17.60 -8.94 -17.65
C ASN A 185 -16.51 -7.96 -18.09
N SER A 186 -15.64 -7.56 -17.17
CA SER A 186 -14.65 -6.51 -17.45
C SER A 186 -13.27 -7.08 -17.77
N HIS A 187 -13.14 -8.41 -17.68
CA HIS A 187 -11.91 -9.10 -18.09
C HIS A 187 -10.62 -8.50 -17.53
N PHE A 188 -10.60 -8.20 -16.24
CA PHE A 188 -9.37 -7.77 -15.60
C PHE A 188 -8.49 -8.98 -15.29
N ASP A 189 -7.34 -9.04 -15.93
CA ASP A 189 -6.35 -10.07 -15.64
C ASP A 189 -4.99 -9.45 -15.87
N GLN A 190 -4.27 -9.21 -14.78
CA GLN A 190 -3.05 -8.42 -14.87
C GLN A 190 -1.95 -9.16 -15.62
N TRP A 191 -2.08 -10.48 -15.77
CA TRP A 191 -1.03 -11.24 -16.44
C TRP A 191 -1.43 -11.66 -17.85
N THR A 192 -2.60 -11.25 -18.31
CA THR A 192 -2.97 -11.50 -19.70
C THR A 192 -2.61 -10.30 -20.56
N LEU A 193 -1.69 -10.50 -21.51
CA LEU A 193 -1.26 -9.38 -22.36
C LEU A 193 -2.37 -8.99 -23.34
N PRO A 194 -2.48 -7.70 -23.66
CA PRO A 194 -3.40 -7.37 -24.75
C PRO A 194 -2.87 -7.96 -26.06
N SER A 195 -3.71 -8.09 -27.07
CA SER A 195 -3.22 -8.38 -28.41
C SER A 195 -2.97 -7.03 -29.06
N TYR A 196 -1.71 -6.62 -29.09
CA TYR A 196 -1.38 -5.24 -29.48
C TYR A 196 -1.76 -4.95 -30.94
N SER A 197 -1.89 -5.99 -31.77
CA SER A 197 -2.32 -5.79 -33.15
C SER A 197 -3.70 -6.40 -33.42
N GLY A 198 -4.43 -6.74 -32.37
CA GLY A 198 -5.71 -7.43 -32.54
C GLY A 198 -5.56 -8.94 -32.44
N ALA A 199 -6.67 -9.64 -32.24
CA ALA A 199 -6.65 -11.04 -31.85
C ALA A 199 -6.12 -12.00 -32.92
N LEU A 200 -6.15 -11.60 -34.18
CA LEU A 200 -5.69 -12.49 -35.26
C LEU A 200 -4.18 -12.36 -35.52
N THR A 201 -3.49 -11.60 -34.67
CA THR A 201 -2.08 -11.32 -34.91
C THR A 201 -1.23 -11.56 -33.67
N LEU A 202 -0.11 -12.25 -33.85
CA LEU A 202 0.83 -12.51 -32.75
C LEU A 202 1.44 -11.22 -32.22
N ASN A 203 1.66 -11.14 -30.90
CA ASN A 203 2.48 -10.06 -30.34
C ASN A 203 3.93 -10.29 -30.73
N MET A 204 4.68 -9.19 -30.86
CA MET A 204 6.06 -9.25 -31.32
C MET A 204 6.99 -8.49 -30.36
N ASN A 205 8.26 -8.88 -30.33
CA ASN A 205 9.29 -8.13 -29.61
C ASN A 205 9.06 -8.03 -28.10
N LEU A 206 8.46 -9.05 -27.52
CA LEU A 206 8.11 -9.01 -26.10
C LEU A 206 9.35 -9.16 -25.22
N ALA A 207 9.34 -8.51 -24.06
CA ALA A 207 10.21 -8.90 -22.97
C ALA A 207 9.87 -10.34 -22.56
N PRO A 208 10.88 -11.13 -22.19
CA PRO A 208 10.64 -12.56 -21.92
C PRO A 208 9.88 -12.81 -20.62
N SER A 209 9.21 -13.95 -20.51
CA SER A 209 8.57 -14.34 -19.27
C SER A 209 9.63 -14.55 -18.18
N VAL A 210 9.21 -14.46 -16.92
CA VAL A 210 10.11 -14.65 -15.80
C VAL A 210 9.52 -15.70 -14.85
N ALA A 211 10.39 -16.45 -14.20
CA ALA A 211 9.94 -17.48 -13.26
C ALA A 211 11.12 -17.90 -12.41
N PRO A 212 10.83 -18.46 -11.24
CA PRO A 212 11.91 -18.98 -10.43
C PRO A 212 12.32 -20.31 -11.02
N VAL A 213 13.60 -20.63 -10.97
CA VAL A 213 14.08 -21.90 -11.53
C VAL A 213 14.90 -22.62 -10.49
N PHE A 214 14.40 -22.59 -9.27
CA PHE A 214 15.11 -23.13 -8.12
C PHE A 214 14.06 -23.61 -7.14
N PRO A 215 14.20 -24.84 -6.64
CA PRO A 215 13.14 -25.35 -5.77
C PRO A 215 12.95 -24.50 -4.51
N GLY A 216 11.69 -24.23 -4.20
CA GLY A 216 11.38 -23.48 -2.99
C GLY A 216 11.29 -21.99 -3.25
N GLU A 217 11.74 -21.53 -4.41
CA GLU A 217 11.72 -20.08 -4.71
C GLU A 217 10.45 -19.62 -5.42
N CYS A 218 10.08 -18.34 -5.23
CA CYS A 218 8.95 -17.77 -5.92
C CYS A 218 9.29 -16.32 -6.29
N LEU A 219 8.54 -15.74 -7.20
CA LEU A 219 8.72 -14.34 -7.59
C LEU A 219 8.31 -13.44 -6.43
N LEU A 220 9.00 -12.31 -6.28
CA LEU A 220 8.63 -11.31 -5.29
C LEU A 220 8.23 -10.08 -6.06
N PHE A 221 7.05 -9.55 -5.77
CA PHE A 221 6.51 -8.42 -6.52
C PHE A 221 6.42 -7.16 -5.67
N PHE A 222 6.43 -6.02 -6.33
CA PHE A 222 6.07 -4.75 -5.71
C PHE A 222 4.61 -4.46 -6.07
N ARG A 223 3.74 -4.50 -5.06
CA ARG A 223 2.29 -4.48 -5.31
C ARG A 223 1.67 -3.13 -4.99
N SER A 224 0.78 -2.67 -5.86
CA SER A 224 0.01 -1.47 -5.62
C SER A 224 -1.47 -1.76 -5.80
N PHE A 225 -2.32 -1.12 -5.01
CA PHE A 225 -3.75 -1.23 -5.19
C PHE A 225 -4.27 -0.12 -6.10
N ILE A 226 -5.13 -0.49 -7.04
CA ILE A 226 -5.53 0.41 -8.12
C ILE A 226 -6.96 0.86 -7.92
N PRO A 227 -7.21 2.18 -8.06
CA PRO A 227 -8.56 2.69 -7.86
C PRO A 227 -9.60 2.08 -8.80
N LEU A 228 -10.85 2.11 -8.36
CA LEU A 228 -11.98 1.61 -9.14
C LEU A 228 -13.03 2.72 -9.32
N LYS A 229 -13.55 2.86 -10.52
CA LYS A 229 -14.59 3.85 -10.82
C LYS A 229 -15.93 3.50 -10.14
N GLY A 230 -16.20 2.20 -9.98
CA GLY A 230 -17.40 1.75 -9.30
C GLY A 230 -17.38 0.25 -9.04
N GLY A 231 -18.42 -0.26 -8.39
CA GLY A 231 -18.53 -1.69 -8.15
C GLY A 231 -17.69 -2.16 -6.97
N TYR A 232 -17.58 -3.47 -6.84
CA TYR A 232 -16.90 -4.07 -5.70
C TYR A 232 -15.54 -4.61 -6.12
N GLY A 233 -14.59 -4.63 -5.20
CA GLY A 233 -13.27 -5.19 -5.46
C GLY A 233 -12.14 -4.43 -4.81
N ASN A 234 -10.98 -5.07 -4.74
CA ASN A 234 -9.77 -4.44 -4.26
C ASN A 234 -8.61 -4.82 -5.16
N PRO A 235 -8.70 -4.45 -6.46
CA PRO A 235 -7.71 -4.95 -7.43
C PRO A 235 -6.30 -4.46 -7.15
N ALA A 236 -5.32 -5.25 -7.53
CA ALA A 236 -3.90 -4.92 -7.36
C ALA A 236 -3.16 -5.08 -8.69
N ILE A 237 -2.06 -4.35 -8.80
CA ILE A 237 -1.14 -4.50 -9.92
C ILE A 237 0.25 -4.76 -9.35
N ASP A 238 0.87 -5.85 -9.78
CA ASP A 238 2.18 -6.28 -9.29
C ASP A 238 3.26 -6.00 -10.31
N CYS A 239 4.31 -5.27 -9.94
CA CYS A 239 5.38 -5.07 -10.89
C CYS A 239 6.63 -5.80 -10.43
N LEU A 240 7.51 -6.09 -11.38
CA LEU A 240 8.74 -6.83 -11.09
C LEU A 240 9.79 -5.93 -10.44
N MET A 241 9.81 -4.66 -10.83
CA MET A 241 10.70 -3.67 -10.21
C MET A 241 10.03 -2.33 -10.28
N PRO A 242 10.21 -1.51 -9.24
CA PRO A 242 9.54 -0.20 -9.28
C PRO A 242 10.15 0.71 -10.32
N GLN A 243 9.42 1.75 -10.70
CA GLN A 243 9.88 2.63 -11.76
C GLN A 243 11.23 3.26 -11.39
N GLU A 244 11.47 3.52 -10.12
CA GLU A 244 12.73 4.18 -9.74
C GLU A 244 13.92 3.24 -9.96
N TRP A 245 13.70 1.93 -9.87
CA TRP A 245 14.77 0.99 -10.15
C TRP A 245 15.03 0.96 -11.64
N VAL A 246 13.98 1.02 -12.44
CA VAL A 246 14.15 1.07 -13.89
C VAL A 246 15.01 2.30 -14.24
N GLN A 247 14.64 3.44 -13.67
CA GLN A 247 15.35 4.69 -13.96
C GLN A 247 16.81 4.63 -13.50
N HIS A 248 17.03 4.06 -12.32
CA HIS A 248 18.37 3.98 -11.77
C HIS A 248 19.26 3.05 -12.59
N LEU A 249 18.75 1.87 -12.93
CA LEU A 249 19.52 0.88 -13.67
C LEU A 249 19.88 1.44 -15.03
N TYR A 250 18.96 2.20 -15.60
CA TYR A 250 19.18 2.82 -16.90
C TYR A 250 20.30 3.86 -16.82
N GLN A 251 20.29 4.67 -15.76
CA GLN A 251 21.33 5.68 -15.56
C GLN A 251 22.70 5.03 -15.38
N GLU A 252 22.77 4.02 -14.52
CA GLU A 252 24.07 3.45 -14.12
C GLU A 252 24.72 2.60 -15.21
N SER A 253 23.91 1.83 -15.94
CA SER A 253 24.44 0.94 -16.97
C SER A 253 25.63 0.13 -16.45
N ALA A 254 25.49 -0.44 -15.27
CA ALA A 254 26.57 -1.24 -14.68
C ALA A 254 26.60 -2.63 -15.29
N PRO A 255 27.79 -3.09 -15.71
CA PRO A 255 27.90 -4.46 -16.24
C PRO A 255 27.45 -5.49 -15.21
N SER A 256 26.66 -6.46 -15.63
CA SER A 256 26.28 -7.57 -14.76
C SER A 256 27.42 -8.58 -14.72
N LEU A 257 27.94 -8.86 -13.52
CA LEU A 257 29.11 -9.71 -13.41
C LEU A 257 28.74 -11.20 -13.23
N SER A 258 27.44 -11.48 -13.10
CA SER A 258 26.92 -12.85 -13.18
C SER A 258 25.43 -12.77 -13.51
N ASP A 259 24.75 -13.90 -13.55
CA ASP A 259 23.32 -13.89 -13.87
C ASP A 259 22.46 -13.53 -12.67
N VAL A 260 23.05 -13.51 -11.48
CA VAL A 260 22.27 -13.38 -10.25
C VAL A 260 22.97 -12.54 -9.19
N ALA A 261 22.33 -11.45 -8.79
CA ALA A 261 22.84 -10.60 -7.72
C ALA A 261 22.15 -10.99 -6.41
N LEU A 262 22.92 -11.12 -5.33
CA LEU A 262 22.37 -11.27 -4.00
C LEU A 262 22.05 -9.90 -3.43
N VAL A 263 20.80 -9.68 -3.02
CA VAL A 263 20.39 -8.43 -2.39
C VAL A 263 19.83 -8.73 -1.00
N ARG A 264 19.99 -7.79 -0.07
CA ARG A 264 19.47 -7.97 1.28
C ARG A 264 18.48 -6.85 1.61
N TYR A 265 17.34 -7.21 2.18
CA TYR A 265 16.37 -6.21 2.62
C TYR A 265 16.80 -5.84 4.03
N VAL A 266 17.28 -4.61 4.19
CA VAL A 266 17.91 -4.23 5.43
C VAL A 266 17.08 -3.22 6.21
N ASN A 267 17.15 -3.33 7.53
CA ASN A 267 16.59 -2.33 8.43
C ASN A 267 17.73 -1.39 8.79
N PRO A 268 17.72 -0.17 8.26
CA PRO A 268 18.81 0.78 8.55
C PRO A 268 18.91 1.12 10.04
N GLU A 269 17.77 1.29 10.68
CA GLU A 269 17.71 1.56 12.12
C GLU A 269 18.63 0.61 12.89
N THR A 270 18.41 -0.69 12.71
CA THR A 270 19.11 -1.71 13.49
C THR A 270 20.33 -2.28 12.75
N GLY A 271 20.45 -1.94 11.48
CA GLY A 271 21.52 -2.47 10.64
C GLY A 271 21.36 -3.93 10.25
N ARG A 272 20.28 -4.56 10.71
CA ARG A 272 20.08 -6.00 10.53
C ARG A 272 19.45 -6.35 9.18
N THR A 273 19.80 -7.51 8.65
CA THR A 273 19.16 -8.04 7.45
C THR A 273 17.85 -8.73 7.79
N LEU A 274 16.77 -8.28 7.19
CA LEU A 274 15.44 -8.85 7.41
C LEU A 274 15.22 -10.12 6.60
N PHE A 275 15.59 -10.08 5.32
CA PHE A 275 15.64 -11.29 4.50
C PHE A 275 16.52 -11.05 3.27
N GLU A 276 16.84 -12.11 2.54
CA GLU A 276 17.62 -11.94 1.32
C GLU A 276 16.84 -12.42 0.11
N ALA A 277 17.28 -11.99 -1.06
CA ALA A 277 16.61 -12.31 -2.32
C ALA A 277 17.62 -12.35 -3.45
N LYS A 278 17.26 -13.02 -4.53
CA LYS A 278 18.04 -13.00 -5.75
C LYS A 278 17.46 -11.98 -6.69
N LEU A 279 18.31 -11.12 -7.24
CA LEU A 279 17.90 -10.15 -8.25
C LEU A 279 18.51 -10.64 -9.56
N HIS A 280 17.66 -11.08 -10.48
CA HIS A 280 18.10 -11.76 -11.69
C HIS A 280 18.43 -10.80 -12.81
N ARG A 281 19.33 -11.22 -13.70
CA ARG A 281 19.81 -10.42 -14.83
C ARG A 281 18.71 -9.72 -15.61
N ASN A 282 17.61 -10.42 -15.88
CA ASN A 282 16.55 -9.86 -16.72
C ASN A 282 15.66 -8.87 -15.98
N GLY A 283 15.90 -8.68 -14.70
CA GLY A 283 15.24 -7.63 -13.95
C GLY A 283 14.02 -8.09 -13.16
N PHE A 284 14.23 -9.01 -12.22
CA PHE A 284 13.15 -9.48 -11.33
C PHE A 284 13.77 -10.17 -10.12
N LEU A 285 12.97 -10.27 -9.06
CA LEU A 285 13.41 -10.84 -7.79
C LEU A 285 12.74 -12.20 -7.53
N THR A 286 13.50 -13.12 -6.94
CA THR A 286 12.91 -14.31 -6.32
C THR A 286 13.34 -14.41 -4.85
N VAL A 287 12.50 -15.05 -4.03
CA VAL A 287 12.83 -15.30 -2.64
C VAL A 287 12.50 -16.75 -2.32
N ALA A 288 13.04 -17.25 -1.22
CA ALA A 288 12.70 -18.60 -0.75
C ALA A 288 11.57 -18.41 0.25
N ARG A 289 10.34 -18.51 -0.24
CA ARG A 289 9.18 -18.30 0.63
C ARG A 289 8.10 -19.32 0.32
N ASN A 290 7.52 -19.89 1.38
CA ASN A 290 6.55 -20.96 1.21
C ASN A 290 5.12 -20.51 1.51
N SER A 291 4.81 -19.22 1.30
CA SER A 291 3.45 -18.72 1.52
C SER A 291 3.12 -17.58 0.56
N ALA A 292 1.83 -17.30 0.39
CA ALA A 292 1.39 -16.22 -0.47
C ALA A 292 0.91 -15.05 0.38
N GLY A 293 0.97 -13.85 -0.18
CA GLY A 293 0.45 -12.69 0.52
C GLY A 293 1.50 -11.63 0.71
N PRO A 294 1.15 -10.56 1.44
CA PRO A 294 2.10 -9.47 1.62
C PRO A 294 3.26 -9.87 2.53
N VAL A 295 4.35 -9.13 2.43
CA VAL A 295 5.47 -9.28 3.34
C VAL A 295 5.27 -8.22 4.41
N VAL A 296 5.30 -8.64 5.67
CA VAL A 296 5.15 -7.70 6.78
C VAL A 296 6.54 -7.33 7.25
N ALA A 297 6.96 -6.10 6.99
CA ALA A 297 8.29 -5.68 7.37
C ALA A 297 8.33 -4.20 7.71
N PRO A 298 9.30 -3.79 8.54
CA PRO A 298 9.42 -2.40 8.96
C PRO A 298 9.37 -1.47 7.75
N THR A 299 8.68 -0.35 7.89
CA THR A 299 8.51 0.60 6.81
C THR A 299 9.81 1.32 6.44
N ASN A 300 10.86 1.18 7.25
CA ASN A 300 12.12 1.84 6.93
C ASN A 300 13.07 0.97 6.09
N GLY A 301 12.61 -0.22 5.72
CA GLY A 301 13.49 -1.19 5.07
C GLY A 301 13.69 -0.95 3.57
N TYR A 302 14.81 -1.41 3.04
CA TYR A 302 15.06 -1.33 1.60
C TYR A 302 16.12 -2.34 1.18
N PHE A 303 16.16 -2.65 -0.12
CA PHE A 303 17.12 -3.61 -0.66
C PHE A 303 18.48 -2.95 -0.86
N ARG A 304 19.52 -3.70 -0.55
CA ARG A 304 20.90 -3.27 -0.73
C ARG A 304 21.62 -4.37 -1.48
N PHE A 305 22.34 -4.02 -2.53
CA PHE A 305 23.14 -5.00 -3.26
C PHE A 305 24.26 -5.52 -2.36
N ASP A 306 24.41 -6.83 -2.28
CA ASP A 306 25.44 -7.48 -1.45
C ASP A 306 26.63 -7.97 -2.28
N SER A 307 26.36 -8.82 -3.26
CA SER A 307 27.43 -9.36 -4.11
C SER A 307 26.82 -10.10 -5.29
N TRP A 308 27.64 -10.37 -6.32
CA TRP A 308 27.18 -11.23 -7.40
C TRP A 308 27.35 -12.68 -6.98
N VAL A 309 26.29 -13.47 -7.10
CA VAL A 309 26.37 -14.91 -6.85
C VAL A 309 26.04 -15.66 -8.15
N ASN A 310 25.34 -16.79 -8.07
CA ASN A 310 24.96 -17.50 -9.28
C ASN A 310 23.69 -18.29 -9.06
N GLN A 311 23.27 -19.04 -10.08
CA GLN A 311 22.00 -19.75 -10.03
C GLN A 311 22.01 -20.86 -8.96
N PHE A 312 23.19 -21.21 -8.45
CA PHE A 312 23.32 -22.31 -7.49
C PHE A 312 23.25 -21.85 -6.03
N TYR A 313 23.19 -20.54 -5.83
CA TYR A 313 23.09 -19.99 -4.49
C TYR A 313 21.77 -20.38 -3.84
N THR A 314 21.82 -20.78 -2.56
CA THR A 314 20.62 -21.15 -1.81
C THR A 314 20.22 -20.04 -0.86
N LEU A 315 19.06 -19.43 -1.10
CA LEU A 315 18.57 -18.35 -0.28
C LEU A 315 18.08 -18.86 1.07
N ALA A 316 18.37 -18.12 2.13
CA ALA A 316 17.79 -18.42 3.42
C ALA A 316 16.28 -18.19 3.33
N PRO A 317 15.49 -19.16 3.79
CA PRO A 317 14.02 -19.00 3.80
C PRO A 317 13.62 -17.70 4.48
N MET A 318 12.65 -16.99 3.92
CA MET A 318 12.12 -15.80 4.57
C MET A 318 11.27 -16.23 5.74
N LYS B 5 32.75 12.91 -2.25
CA LYS B 5 31.78 12.37 -3.19
C LYS B 5 31.40 13.41 -4.24
N PRO B 6 31.74 13.15 -5.52
CA PRO B 6 31.62 14.11 -6.60
C PRO B 6 30.18 14.32 -7.08
N PHE B 7 29.80 15.59 -7.23
CA PHE B 7 28.44 15.97 -7.59
C PHE B 7 28.14 15.59 -9.05
N THR B 8 26.92 15.10 -9.30
CA THR B 8 26.49 14.73 -10.65
C THR B 8 25.02 15.09 -10.87
N LEU B 9 24.63 15.28 -12.13
CA LEU B 9 23.22 15.35 -12.51
C LEU B 9 22.90 14.10 -13.32
N PRO B 10 21.63 13.67 -13.31
CA PRO B 10 21.31 12.48 -14.12
C PRO B 10 21.45 12.81 -15.60
N ILE B 11 21.70 11.82 -16.45
CA ILE B 11 21.79 12.07 -17.89
C ILE B 11 20.45 11.80 -18.55
N LEU B 12 19.65 12.85 -18.71
CA LEU B 12 18.27 12.73 -19.19
C LEU B 12 17.91 13.90 -20.08
N THR B 13 17.42 13.58 -21.28
CA THR B 13 16.94 14.61 -22.20
C THR B 13 15.63 15.19 -21.64
N LEU B 14 15.18 16.30 -22.19
CA LEU B 14 13.93 16.90 -21.73
C LEU B 14 12.79 15.92 -21.90
N GLY B 15 12.88 15.08 -22.92
CA GLY B 15 11.84 14.10 -23.20
C GLY B 15 11.88 12.92 -22.22
N GLU B 16 12.80 12.95 -21.27
CA GLU B 16 12.94 11.89 -20.26
C GLU B 16 12.77 12.47 -18.85
N LEU B 17 12.24 13.68 -18.77
CA LEU B 17 12.09 14.36 -17.48
C LEU B 17 10.62 14.64 -17.19
N THR B 18 10.29 14.74 -15.90
CA THR B 18 8.94 15.14 -15.53
C THR B 18 8.96 16.33 -14.58
N ASN B 19 7.83 17.04 -14.54
CA ASN B 19 7.68 18.25 -13.77
C ASN B 19 7.53 17.89 -12.29
N SER B 20 8.12 18.71 -11.44
CA SER B 20 8.09 18.44 -10.01
C SER B 20 6.92 19.16 -9.34
N ARG B 21 6.20 19.98 -10.09
CA ARG B 21 5.08 20.74 -9.53
C ARG B 21 3.69 20.24 -9.97
N PHE B 22 3.67 19.38 -10.98
CA PHE B 22 2.43 18.75 -11.43
C PHE B 22 2.81 17.51 -12.24
N PRO B 23 2.00 16.44 -12.18
CA PRO B 23 2.45 15.22 -12.87
C PRO B 23 2.33 15.33 -14.40
N LEU B 24 3.35 15.93 -15.02
CA LEU B 24 3.37 16.21 -16.45
C LEU B 24 4.78 15.97 -16.95
N PRO B 25 4.94 15.63 -18.24
CA PRO B 25 6.30 15.58 -18.78
C PRO B 25 6.83 17.00 -19.00
N ILE B 26 8.14 17.17 -18.99
CA ILE B 26 8.73 18.46 -19.34
C ILE B 26 8.61 18.64 -20.84
N ASP B 27 8.13 19.81 -21.25
CA ASP B 27 7.94 20.12 -22.65
C ASP B 27 9.08 20.97 -23.23
N VAL B 28 9.48 22.02 -22.53
CA VAL B 28 10.54 22.92 -23.00
C VAL B 28 11.27 23.60 -21.84
N LEU B 29 12.46 24.12 -22.10
CA LEU B 29 13.12 25.03 -21.18
C LEU B 29 12.61 26.42 -21.50
N TYR B 30 12.45 27.27 -20.49
CA TYR B 30 11.73 28.52 -20.67
C TYR B 30 12.23 29.63 -19.74
N THR B 31 12.27 30.87 -20.24
CA THR B 31 12.61 32.02 -19.41
C THR B 31 11.50 33.07 -19.49
N ASN B 32 11.42 33.88 -18.44
CA ASN B 32 10.47 34.97 -18.39
C ASN B 32 11.04 36.09 -17.53
N PRO B 33 12.09 36.76 -18.02
CA PRO B 33 12.88 37.72 -17.24
C PRO B 33 12.06 38.85 -16.61
N ASN B 34 10.93 39.21 -17.21
CA ASN B 34 10.17 40.36 -16.72
C ASN B 34 9.09 39.99 -15.71
N GLU B 35 9.08 38.74 -15.27
CA GLU B 35 8.17 38.28 -14.24
C GLU B 35 8.20 39.25 -13.05
N SER B 36 7.02 39.73 -12.65
CA SER B 36 6.92 40.66 -11.52
C SER B 36 6.74 39.92 -10.20
N ALA B 37 6.24 38.69 -10.27
CA ALA B 37 5.96 37.90 -9.09
C ALA B 37 7.23 37.38 -8.42
N ILE B 38 7.15 37.19 -7.10
CA ILE B 38 8.20 36.51 -6.37
C ILE B 38 8.03 35.02 -6.64
N VAL B 39 9.11 34.38 -7.07
CA VAL B 39 9.10 32.95 -7.32
C VAL B 39 9.45 32.19 -6.04
N GLN B 40 8.49 31.45 -5.51
CA GLN B 40 8.65 30.77 -4.22
C GLN B 40 7.79 29.51 -4.17
N CYS B 41 7.83 28.73 -5.25
CA CYS B 41 7.12 27.45 -5.28
C CYS B 41 7.67 26.53 -4.20
N GLN B 42 6.85 25.57 -3.76
CA GLN B 42 7.16 24.71 -2.61
C GLN B 42 7.32 23.24 -3.00
N ASN B 43 6.83 22.87 -4.17
CA ASN B 43 7.18 21.57 -4.72
C ASN B 43 8.34 21.73 -5.69
N GLY B 44 9.06 20.63 -5.89
CA GLY B 44 10.25 20.64 -6.72
C GLY B 44 11.38 21.42 -6.06
N ARG B 45 11.39 21.43 -4.72
CA ARG B 45 12.42 22.18 -3.99
C ARG B 45 13.36 21.21 -3.30
N CYS B 46 14.64 21.32 -3.62
CA CYS B 46 15.66 20.46 -3.04
C CYS B 46 17.01 21.16 -3.13
N THR B 47 17.78 21.17 -2.04
CA THR B 47 19.10 21.79 -2.10
C THR B 47 20.03 20.88 -2.89
N LEU B 48 21.16 21.40 -3.34
CA LEU B 48 22.08 20.62 -4.16
C LEU B 48 22.71 19.47 -3.39
N ASP B 49 22.74 19.56 -2.07
CA ASP B 49 23.28 18.45 -1.28
C ASP B 49 22.17 17.52 -0.81
N GLY B 50 20.99 17.66 -1.41
CA GLY B 50 19.96 16.65 -1.31
C GLY B 50 18.97 16.79 -0.18
N GLU B 51 18.78 18.00 0.33
CA GLU B 51 17.76 18.24 1.35
C GLU B 51 16.47 18.76 0.70
N LEU B 52 15.40 17.98 0.78
CA LEU B 52 14.10 18.38 0.26
C LEU B 52 13.53 19.51 1.12
N GLN B 53 12.88 20.50 0.51
CA GLN B 53 12.31 21.61 1.26
C GLN B 53 10.86 21.87 0.89
N GLY B 54 10.23 22.84 1.54
CA GLY B 54 8.84 23.15 1.29
C GLY B 54 7.95 21.94 1.49
N THR B 55 7.08 21.67 0.53
CA THR B 55 6.19 20.52 0.61
C THR B 55 6.68 19.40 -0.32
N THR B 56 7.96 19.41 -0.65
CA THR B 56 8.48 18.46 -1.62
C THR B 56 8.64 17.05 -1.05
N GLN B 57 8.21 16.07 -1.83
CA GLN B 57 8.42 14.65 -1.50
C GLN B 57 8.86 13.91 -2.78
N LEU B 58 9.23 12.65 -2.65
CA LEU B 58 9.92 11.95 -3.73
C LEU B 58 9.01 11.33 -4.79
N LEU B 59 7.77 11.01 -4.45
CA LEU B 59 6.92 10.24 -5.37
C LEU B 59 6.34 11.09 -6.50
N PRO B 60 6.55 10.69 -7.76
CA PRO B 60 5.86 11.43 -8.81
C PRO B 60 4.34 11.38 -8.63
N THR B 61 3.85 10.29 -8.04
CA THR B 61 2.41 10.14 -7.80
C THR B 61 1.90 10.98 -6.62
N GLY B 62 2.83 11.56 -5.85
CA GLY B 62 2.44 12.36 -4.69
C GLY B 62 2.27 13.85 -5.00
N ILE B 63 2.72 14.28 -6.18
CA ILE B 63 2.68 15.71 -6.53
C ILE B 63 1.22 16.16 -6.77
N CYS B 64 0.77 17.13 -6.00
CA CYS B 64 -0.62 17.63 -6.03
C CYS B 64 -1.64 16.53 -5.72
N ALA B 65 -1.22 15.53 -4.97
CA ALA B 65 -2.15 14.49 -4.51
C ALA B 65 -2.62 14.77 -3.08
N PHE B 66 -3.75 14.18 -2.70
CA PHE B 66 -4.22 14.18 -1.31
C PHE B 66 -4.75 12.80 -0.94
N ARG B 67 -4.62 12.45 0.34
CA ARG B 67 -5.27 11.27 0.91
C ARG B 67 -6.03 11.72 2.15
N GLY B 68 -7.11 11.01 2.48
CA GLY B 68 -7.89 11.35 3.67
C GLY B 68 -9.25 10.70 3.64
N LYS B 69 -10.24 11.36 4.26
CA LYS B 69 -11.61 10.88 4.31
C LYS B 69 -12.59 12.02 4.17
N VAL B 70 -13.65 11.81 3.39
CA VAL B 70 -14.74 12.78 3.34
C VAL B 70 -15.47 12.74 4.69
N THR B 71 -15.94 13.88 5.19
CA THR B 71 -16.64 13.89 6.46
C THR B 71 -18.11 14.24 6.27
N GLN B 72 -18.40 15.19 5.38
CA GLN B 72 -19.76 15.64 5.16
C GLN B 72 -19.92 16.31 3.79
N GLN B 73 -21.16 16.37 3.32
CA GLN B 73 -21.50 17.16 2.14
C GLN B 73 -21.87 18.56 2.58
N VAL B 74 -21.83 19.52 1.65
CA VAL B 74 -22.33 20.87 1.90
C VAL B 74 -22.93 21.44 0.62
N GLY B 80 -22.80 23.01 -8.50
CA GLY B 80 -21.85 22.00 -8.08
C GLY B 80 -22.03 21.64 -6.62
N THR B 81 -21.72 20.39 -6.28
CA THR B 81 -21.83 19.90 -4.91
C THR B 81 -20.48 19.97 -4.22
N HIS B 82 -20.48 20.40 -2.96
CA HIS B 82 -19.22 20.57 -2.24
C HIS B 82 -19.08 19.55 -1.13
N TRP B 83 -17.84 19.16 -0.85
CA TRP B 83 -17.57 18.10 0.12
C TRP B 83 -16.41 18.49 0.99
N ASN B 84 -16.52 18.24 2.29
CA ASN B 84 -15.42 18.43 3.20
C ASN B 84 -14.62 17.15 3.32
N MET B 85 -13.30 17.29 3.35
CA MET B 85 -12.40 16.15 3.38
C MET B 85 -11.28 16.46 4.36
N THR B 86 -11.05 15.58 5.34
CA THR B 86 -9.87 15.69 6.18
C THR B 86 -8.71 15.06 5.42
N VAL B 87 -7.53 15.66 5.51
CA VAL B 87 -6.36 15.12 4.83
C VAL B 87 -5.33 14.59 5.82
N THR B 88 -4.68 13.50 5.42
CA THR B 88 -3.60 12.91 6.18
C THR B 88 -2.31 13.11 5.40
N ASN B 89 -1.19 12.67 5.94
CA ASN B 89 0.01 12.54 5.13
C ASN B 89 -0.28 11.54 4.02
N LEU B 90 0.49 11.59 2.94
CA LEU B 90 0.24 10.72 1.80
C LEU B 90 0.45 9.25 2.17
N ASN B 91 1.30 8.99 3.17
CA ASN B 91 1.52 7.61 3.62
C ASN B 91 0.41 7.08 4.54
N GLY B 92 -0.63 7.88 4.76
CA GLY B 92 -1.79 7.44 5.53
C GLY B 92 -1.77 7.84 7.01
N THR B 93 -0.60 8.17 7.54
CA THR B 93 -0.49 8.56 8.95
C THR B 93 -1.09 9.95 9.15
N PRO B 94 -1.56 10.23 10.37
CA PRO B 94 -2.19 11.52 10.64
C PRO B 94 -1.24 12.67 10.38
N PHE B 95 -1.71 13.73 9.75
CA PHE B 95 -0.88 14.92 9.59
C PHE B 95 -0.81 15.69 10.90
N ASP B 96 0.41 15.95 11.34
CA ASP B 96 0.67 16.68 12.57
C ASP B 96 1.03 18.13 12.26
N PRO B 97 0.07 19.05 12.44
CA PRO B 97 0.35 20.46 12.12
C PRO B 97 1.57 21.04 12.81
N THR B 98 2.17 20.33 13.78
CA THR B 98 3.36 20.83 14.47
C THR B 98 4.66 20.46 13.75
N GLU B 99 4.58 19.49 12.84
CA GLU B 99 5.70 19.16 11.97
C GLU B 99 6.12 20.43 11.24
N ASP B 100 7.43 20.61 11.05
CA ASP B 100 7.98 21.83 10.46
C ASP B 100 7.93 21.85 8.93
N VAL B 101 6.72 21.76 8.36
CA VAL B 101 6.51 21.89 6.93
C VAL B 101 5.32 22.81 6.70
N PRO B 102 5.17 23.36 5.49
CA PRO B 102 4.08 24.30 5.21
C PRO B 102 2.72 23.64 5.23
N ALA B 103 2.69 22.34 4.92
CA ALA B 103 1.47 21.58 4.76
C ALA B 103 1.87 20.13 4.47
N PRO B 104 0.90 19.21 4.39
CA PRO B 104 1.28 17.84 4.06
C PRO B 104 2.10 17.80 2.77
N LEU B 105 3.16 17.01 2.73
CA LEU B 105 4.01 16.99 1.54
C LEU B 105 3.17 16.58 0.33
N GLY B 106 3.44 17.20 -0.81
CA GLY B 106 2.67 16.94 -2.02
C GLY B 106 1.56 17.96 -2.25
N THR B 107 1.12 18.65 -1.20
CA THR B 107 0.09 19.68 -1.33
C THR B 107 0.41 20.64 -2.50
N PRO B 108 -0.59 21.00 -3.31
CA PRO B 108 -0.36 21.96 -4.41
C PRO B 108 0.26 23.25 -3.91
N ASP B 109 1.12 23.87 -4.71
CA ASP B 109 1.85 25.06 -4.29
C ASP B 109 1.48 26.30 -5.11
N PHE B 110 0.31 26.27 -5.75
CA PHE B 110 -0.14 27.43 -6.50
C PHE B 110 -1.65 27.64 -6.39
N SER B 111 -2.07 28.87 -6.69
CA SER B 111 -3.48 29.25 -6.70
C SER B 111 -4.12 28.79 -8.01
N GLY B 112 -5.28 28.16 -7.91
CA GLY B 112 -5.99 27.70 -9.09
C GLY B 112 -7.07 26.70 -8.75
N GLN B 113 -7.84 26.32 -9.76
CA GLN B 113 -8.86 25.29 -9.61
C GLN B 113 -8.27 24.02 -10.16
N ILE B 114 -7.80 23.16 -9.28
CA ILE B 114 -7.14 21.93 -9.71
C ILE B 114 -8.17 20.84 -9.94
N TYR B 115 -8.15 20.31 -11.16
CA TYR B 115 -9.08 19.29 -11.63
C TYR B 115 -8.44 17.91 -11.56
N GLY B 116 -9.23 16.93 -11.15
CA GLY B 116 -8.74 15.56 -11.03
C GLY B 116 -9.89 14.63 -10.69
N VAL B 117 -9.55 13.45 -10.17
CA VAL B 117 -10.55 12.46 -9.81
C VAL B 117 -10.43 12.12 -8.33
N ILE B 118 -11.55 12.19 -7.62
CA ILE B 118 -11.63 11.67 -6.26
C ILE B 118 -12.11 10.22 -6.33
N SER B 119 -11.34 9.29 -5.77
CA SER B 119 -11.76 7.89 -5.72
C SER B 119 -11.80 7.38 -4.27
N GLN B 120 -12.59 6.35 -4.04
CA GLN B 120 -12.81 5.82 -2.71
C GLN B 120 -12.86 4.31 -2.73
N ARG B 121 -12.25 3.67 -1.73
CA ARG B 121 -12.39 2.23 -1.52
C ARG B 121 -12.77 2.04 -0.06
N ASN B 122 -13.96 1.53 0.17
CA ASN B 122 -14.48 1.43 1.53
C ASN B 122 -13.68 0.50 2.41
N THR B 123 -13.70 0.78 3.71
CA THR B 123 -12.95 0.01 4.69
C THR B 123 -13.70 -1.29 5.00
N ASN B 124 -15.02 -1.20 5.06
CA ASN B 124 -15.86 -2.34 5.39
C ASN B 124 -16.21 -3.17 4.15
N THR B 125 -16.25 -4.48 4.31
CA THR B 125 -16.55 -5.37 3.19
C THR B 125 -17.89 -6.06 3.42
N VAL B 126 -18.52 -6.54 2.35
CA VAL B 126 -19.82 -7.18 2.44
C VAL B 126 -19.78 -8.62 1.96
N PRO B 127 -20.15 -9.58 2.84
CA PRO B 127 -20.19 -11.01 2.50
C PRO B 127 -21.07 -11.31 1.29
N GLY B 128 -22.22 -10.66 1.21
CA GLY B 128 -23.10 -10.84 0.06
C GLY B 128 -22.37 -10.53 -1.23
N GLU B 129 -21.51 -9.51 -1.19
CA GLU B 129 -20.80 -9.04 -2.38
C GLU B 129 -19.43 -9.69 -2.53
N GLY B 130 -19.18 -10.77 -1.81
CA GLY B 130 -17.95 -11.53 -1.96
C GLY B 130 -16.83 -11.10 -1.03
N ASN B 131 -17.20 -10.44 0.07
CA ASN B 131 -16.22 -9.92 1.03
C ASN B 131 -15.27 -8.92 0.39
N LEU B 132 -15.77 -8.19 -0.59
CA LEU B 132 -15.01 -7.13 -1.25
C LEU B 132 -15.64 -5.78 -0.93
N PRO B 133 -14.81 -4.73 -0.84
CA PRO B 133 -15.34 -3.40 -0.53
C PRO B 133 -15.99 -2.74 -1.75
N ALA B 134 -16.86 -1.77 -1.50
CA ALA B 134 -17.49 -0.98 -2.56
C ALA B 134 -16.60 0.20 -2.94
N ASN B 135 -16.69 0.64 -4.19
CA ASN B 135 -15.86 1.71 -4.70
C ASN B 135 -16.64 2.76 -5.48
N ARG B 136 -16.08 3.96 -5.60
CA ARG B 136 -16.63 4.97 -6.49
C ARG B 136 -15.57 6.02 -6.81
N ALA B 137 -15.62 6.58 -8.02
CA ALA B 137 -14.76 7.69 -8.37
C ALA B 137 -15.52 8.73 -9.19
N HIS B 138 -15.18 9.99 -9.03
CA HIS B 138 -15.80 11.05 -9.82
C HIS B 138 -14.83 12.21 -10.06
N GLU B 139 -15.06 12.94 -11.14
CA GLU B 139 -14.34 14.18 -11.36
C GLU B 139 -14.56 15.12 -10.19
N ALA B 140 -13.49 15.78 -9.76
CA ALA B 140 -13.60 16.76 -8.69
C ALA B 140 -12.66 17.94 -8.94
N VAL B 141 -12.90 19.04 -8.25
CA VAL B 141 -12.11 20.26 -8.39
C VAL B 141 -11.77 20.77 -7.00
N ILE B 142 -10.50 21.11 -6.79
CA ILE B 142 -10.07 21.69 -5.53
C ILE B 142 -9.59 23.11 -5.78
N ALA B 143 -10.28 24.08 -5.20
CA ALA B 143 -9.92 25.48 -5.34
C ALA B 143 -8.95 25.85 -4.23
N THR B 144 -7.69 26.02 -4.59
CA THR B 144 -6.64 26.20 -3.58
C THR B 144 -6.57 27.64 -3.03
N TYR B 145 -7.31 28.55 -3.66
CA TYR B 145 -7.35 29.96 -3.20
C TYR B 145 -8.49 30.21 -2.22
N SER B 146 -9.36 29.21 -2.09
CA SER B 146 -10.56 29.30 -1.25
C SER B 146 -10.20 29.31 0.23
N PRO B 147 -11.00 30.01 1.06
CA PRO B 147 -10.79 29.98 2.51
C PRO B 147 -10.97 28.57 3.08
N LYS B 148 -11.63 27.70 2.33
CA LYS B 148 -11.91 26.34 2.79
C LYS B 148 -10.71 25.42 2.54
N PHE B 149 -9.71 25.93 1.82
CA PHE B 149 -8.50 25.16 1.56
C PHE B 149 -7.49 25.39 2.67
N THR B 150 -7.56 24.57 3.72
CA THR B 150 -6.65 24.68 4.86
C THR B 150 -5.94 23.36 5.16
N PRO B 151 -5.11 22.88 4.22
CA PRO B 151 -4.45 21.58 4.42
C PRO B 151 -3.51 21.55 5.61
N LYS B 152 -2.94 22.68 5.99
CA LYS B 152 -2.05 22.74 7.15
C LYS B 152 -2.84 22.46 8.43
N LEU B 153 -4.14 22.67 8.37
CA LEU B 153 -5.03 22.40 9.49
C LEU B 153 -5.70 21.02 9.36
N GLY B 154 -5.36 20.30 8.30
CA GLY B 154 -5.80 18.92 8.12
C GLY B 154 -7.15 18.78 7.43
N ASN B 155 -7.54 19.81 6.70
CA ASN B 155 -8.91 19.89 6.21
C ASN B 155 -8.99 20.67 4.90
N ILE B 156 -9.56 20.08 3.86
CA ILE B 156 -9.81 20.80 2.62
C ILE B 156 -11.21 20.53 2.09
N GLN B 157 -11.56 21.20 1.01
CA GLN B 157 -12.86 21.04 0.40
C GLN B 157 -12.70 20.79 -1.10
N PHE B 158 -13.55 19.94 -1.66
CA PHE B 158 -13.59 19.78 -3.12
C PHE B 158 -15.03 19.80 -3.61
N SER B 159 -15.21 20.03 -4.91
CA SER B 159 -16.54 20.04 -5.49
C SER B 159 -16.61 19.01 -6.59
N THR B 160 -17.82 18.54 -6.87
CA THR B 160 -18.03 17.56 -7.92
C THR B 160 -19.23 17.96 -8.76
N TRP B 161 -19.29 17.46 -9.99
CA TRP B 161 -20.48 17.57 -10.81
C TRP B 161 -21.48 16.56 -10.28
N GLU B 162 -20.97 15.37 -9.96
CA GLU B 162 -21.74 14.36 -9.25
C GLU B 162 -22.46 15.03 -8.09
N THR B 163 -23.68 14.60 -7.79
CA THR B 163 -24.47 15.28 -6.77
C THR B 163 -24.68 14.47 -5.50
N GLN B 164 -24.30 13.20 -5.49
CA GLN B 164 -24.60 12.36 -4.33
C GLN B 164 -23.67 11.18 -4.09
N ASP B 165 -23.05 10.64 -5.14
CA ASP B 165 -22.34 9.37 -5.01
C ASP B 165 -20.92 9.54 -4.46
N VAL B 166 -20.81 10.20 -3.32
CA VAL B 166 -19.56 10.28 -2.56
C VAL B 166 -19.88 9.90 -1.13
N SER B 167 -19.10 8.97 -0.57
CA SER B 167 -19.40 8.45 0.76
C SER B 167 -18.57 9.10 1.85
N SER B 168 -19.17 9.30 3.01
CA SER B 168 -18.48 9.85 4.16
C SER B 168 -17.79 8.75 4.96
N GLY B 169 -16.67 9.10 5.57
CA GLY B 169 -15.97 8.20 6.48
C GLY B 169 -15.22 7.07 5.80
N GLN B 170 -14.95 7.23 4.50
CA GLN B 170 -14.28 6.18 3.74
C GLN B 170 -12.95 6.71 3.17
N PRO B 171 -11.95 5.83 3.05
CA PRO B 171 -10.65 6.25 2.50
C PRO B 171 -10.79 6.88 1.11
N THR B 172 -10.18 8.05 0.92
CA THR B 172 -10.40 8.87 -0.26
C THR B 172 -9.05 9.31 -0.83
N LYS B 173 -8.95 9.30 -2.15
CA LYS B 173 -7.71 9.64 -2.87
C LYS B 173 -8.03 10.71 -3.90
N PHE B 174 -7.20 11.74 -4.01
CA PHE B 174 -7.31 12.68 -5.12
C PHE B 174 -6.16 12.46 -6.09
N THR B 175 -6.50 12.12 -7.33
CA THR B 175 -5.53 12.02 -8.42
C THR B 175 -5.64 13.26 -9.31
N PRO B 176 -4.60 14.12 -9.31
CA PRO B 176 -4.67 15.35 -10.13
C PRO B 176 -4.56 15.03 -11.62
N VAL B 177 -5.24 15.83 -12.43
CA VAL B 177 -5.22 15.66 -13.88
C VAL B 177 -4.88 16.96 -14.62
N GLY B 178 -5.39 18.08 -14.13
CA GLY B 178 -5.13 19.37 -14.76
C GLY B 178 -5.79 20.53 -14.04
N LEU B 179 -6.18 21.56 -14.79
CA LEU B 179 -6.92 22.70 -14.27
C LEU B 179 -8.36 22.66 -14.77
N ALA B 180 -9.30 23.13 -13.96
CA ALA B 180 -10.69 23.18 -14.37
C ALA B 180 -10.93 24.35 -15.32
N SER B 181 -10.22 25.45 -15.07
CA SER B 181 -10.40 26.66 -15.85
C SER B 181 -9.22 27.61 -15.61
N VAL B 182 -8.99 28.52 -16.55
CA VAL B 182 -8.02 29.60 -16.36
C VAL B 182 -8.62 30.97 -16.68
N ASP B 183 -9.94 31.05 -16.71
CA ASP B 183 -10.60 32.35 -16.90
C ASP B 183 -10.39 33.20 -15.65
N ALA B 184 -10.81 34.46 -15.68
CA ALA B 184 -10.46 35.40 -14.60
C ALA B 184 -10.94 34.94 -13.22
N ASN B 185 -12.15 34.39 -13.17
CA ASN B 185 -12.73 33.98 -11.89
C ASN B 185 -12.13 32.70 -11.31
N SER B 186 -11.18 32.10 -12.03
CA SER B 186 -10.56 30.84 -11.59
C SER B 186 -9.22 31.07 -10.89
N HIS B 187 -8.75 32.31 -10.87
CA HIS B 187 -7.58 32.69 -10.08
C HIS B 187 -6.39 31.73 -10.25
N PHE B 188 -6.06 31.39 -11.49
CA PHE B 188 -4.84 30.64 -11.76
C PHE B 188 -3.65 31.58 -11.77
N ASP B 189 -2.74 31.39 -10.82
CA ASP B 189 -1.48 32.12 -10.78
C ASP B 189 -0.44 31.16 -10.21
N GLN B 190 0.42 30.64 -11.07
CA GLN B 190 1.33 29.58 -10.65
C GLN B 190 2.34 30.08 -9.60
N TRP B 191 2.51 31.40 -9.46
CA TRP B 191 3.46 31.92 -8.46
C TRP B 191 2.79 32.49 -7.20
N THR B 192 1.46 32.42 -7.13
CA THR B 192 0.74 32.80 -5.91
C THR B 192 0.52 31.58 -5.02
N LEU B 193 1.13 31.57 -3.85
CA LEU B 193 1.03 30.41 -2.96
C LEU B 193 -0.36 30.36 -2.35
N PRO B 194 -0.88 29.16 -2.10
CA PRO B 194 -2.11 29.06 -1.31
C PRO B 194 -1.83 29.53 0.10
N SER B 195 -2.85 29.92 0.85
CA SER B 195 -2.71 30.10 2.28
C SER B 195 -3.06 28.76 2.93
N TYR B 196 -2.04 28.01 3.32
CA TYR B 196 -2.24 26.62 3.72
C TYR B 196 -3.12 26.52 4.98
N SER B 197 -3.20 27.60 5.75
CA SER B 197 -4.10 27.65 6.91
C SER B 197 -5.18 28.73 6.79
N GLY B 198 -5.37 29.27 5.59
CA GLY B 198 -6.31 30.38 5.40
C GLY B 198 -5.61 31.72 5.35
N ALA B 199 -6.28 32.73 4.81
CA ALA B 199 -5.64 33.99 4.42
C ALA B 199 -5.11 34.83 5.58
N LEU B 200 -5.73 34.71 6.75
CA LEU B 200 -5.34 35.54 7.87
C LEU B 200 -4.18 34.92 8.62
N THR B 201 -3.60 33.86 8.04
CA THR B 201 -2.49 33.19 8.67
C THR B 201 -1.27 33.11 7.76
N LEU B 202 -0.10 33.30 8.35
CA LEU B 202 1.17 33.21 7.65
C LEU B 202 1.53 31.77 7.30
N ASN B 203 1.88 31.50 6.05
CA ASN B 203 2.47 30.20 5.70
C ASN B 203 3.81 30.10 6.41
N MET B 204 4.17 28.90 6.87
CA MET B 204 5.41 28.75 7.63
C MET B 204 6.29 27.63 7.10
N ASN B 205 7.57 27.64 7.46
CA ASN B 205 8.51 26.60 7.04
C ASN B 205 8.65 26.54 5.51
N LEU B 206 8.52 27.68 4.85
CA LEU B 206 8.57 27.74 3.40
C LEU B 206 9.98 27.53 2.89
N ALA B 207 10.10 26.83 1.75
CA ALA B 207 11.31 26.91 0.94
C ALA B 207 11.46 28.38 0.55
N PRO B 208 12.70 28.88 0.47
CA PRO B 208 12.92 30.31 0.22
C PRO B 208 12.63 30.75 -1.21
N SER B 209 12.37 32.04 -1.40
CA SER B 209 12.21 32.57 -2.74
C SER B 209 13.53 32.45 -3.48
N VAL B 210 13.47 32.44 -4.80
CA VAL B 210 14.67 32.34 -5.64
C VAL B 210 14.66 33.46 -6.67
N ALA B 211 15.84 33.96 -7.00
CA ALA B 211 15.96 35.05 -7.97
C ALA B 211 17.39 35.15 -8.46
N PRO B 212 17.58 35.72 -9.64
CA PRO B 212 18.96 36.01 -10.04
C PRO B 212 19.50 37.17 -9.19
N VAL B 213 20.74 37.04 -8.73
CA VAL B 213 21.40 38.11 -7.97
C VAL B 213 22.50 38.77 -8.79
N PHE B 214 22.38 38.68 -10.11
CA PHE B 214 23.41 39.19 -11.00
C PHE B 214 22.72 39.85 -12.20
N PRO B 215 23.19 41.05 -12.59
CA PRO B 215 22.58 41.79 -13.70
C PRO B 215 22.62 40.98 -14.99
N GLY B 216 21.55 41.05 -15.77
CA GLY B 216 21.49 40.33 -17.03
C GLY B 216 21.11 38.86 -16.91
N GLU B 217 20.94 38.35 -15.68
CA GLU B 217 20.53 36.95 -15.49
C GLU B 217 19.04 36.81 -15.19
N CYS B 218 18.48 35.66 -15.55
CA CYS B 218 17.09 35.35 -15.27
C CYS B 218 16.99 33.88 -14.88
N LEU B 219 15.92 33.53 -14.18
CA LEU B 219 15.67 32.14 -13.84
C LEU B 219 15.40 31.34 -15.11
N LEU B 220 15.81 30.07 -15.10
CA LEU B 220 15.52 29.17 -16.21
C LEU B 220 14.62 28.08 -15.66
N PHE B 221 13.50 27.82 -16.33
CA PHE B 221 12.51 26.86 -15.85
C PHE B 221 12.39 25.66 -16.77
N PHE B 222 11.92 24.55 -16.20
CA PHE B 222 11.46 23.40 -16.97
C PHE B 222 9.93 23.53 -17.05
N ARG B 223 9.43 23.75 -18.26
CA ARG B 223 8.04 24.12 -18.47
C ARG B 223 7.21 22.95 -18.95
N SER B 224 6.03 22.77 -18.37
CA SER B 224 5.07 21.76 -18.87
C SER B 224 3.75 22.43 -19.14
N PHE B 225 3.02 21.98 -20.16
CA PHE B 225 1.68 22.50 -20.39
C PHE B 225 0.66 21.60 -19.69
N ILE B 226 -0.30 22.22 -19.02
CA ILE B 226 -1.22 21.50 -18.14
C ILE B 226 -2.61 21.43 -18.75
N PRO B 227 -3.27 20.25 -18.72
CA PRO B 227 -4.56 20.09 -19.39
C PRO B 227 -5.67 20.92 -18.76
N LEU B 228 -6.70 21.19 -19.55
CA LEU B 228 -7.86 21.98 -19.12
C LEU B 228 -9.16 21.18 -19.28
N LYS B 229 -10.02 21.24 -18.26
CA LYS B 229 -11.32 20.58 -18.31
C LYS B 229 -12.19 21.24 -19.38
N GLY B 230 -12.03 22.54 -19.55
CA GLY B 230 -12.80 23.26 -20.56
C GLY B 230 -12.41 24.72 -20.67
N GLY B 231 -13.05 25.42 -21.60
CA GLY B 231 -12.76 26.83 -21.79
C GLY B 231 -11.55 27.02 -22.67
N TYR B 232 -11.00 28.23 -22.63
CA TYR B 232 -9.90 28.59 -23.51
C TYR B 232 -8.62 28.83 -22.72
N GLY B 233 -7.48 28.55 -23.34
CA GLY B 233 -6.19 28.80 -22.71
C GLY B 233 -5.15 27.77 -23.08
N ASN B 234 -3.89 28.09 -22.79
CA ASN B 234 -2.80 27.14 -22.96
C ASN B 234 -1.88 27.20 -21.74
N PRO B 235 -2.43 26.96 -20.54
CA PRO B 235 -1.71 27.16 -19.27
C PRO B 235 -0.44 26.32 -19.14
N ALA B 236 0.53 26.84 -18.41
CA ALA B 236 1.77 26.12 -18.18
C ALA B 236 2.14 26.15 -16.71
N ILE B 237 2.91 25.15 -16.31
CA ILE B 237 3.51 25.09 -14.98
C ILE B 237 5.01 24.98 -15.14
N ASP B 238 5.74 25.91 -14.52
CA ASP B 238 7.19 25.97 -14.62
C ASP B 238 7.81 25.49 -13.33
N CYS B 239 8.70 24.52 -13.38
CA CYS B 239 9.40 24.09 -12.17
C CYS B 239 10.87 24.46 -12.20
N LEU B 240 11.48 24.56 -11.02
CA LEU B 240 12.86 25.00 -10.91
C LEU B 240 13.82 23.87 -11.29
N MET B 241 13.40 22.64 -10.99
CA MET B 241 14.14 21.42 -11.31
C MET B 241 13.13 20.29 -11.52
N PRO B 242 13.41 19.40 -12.47
CA PRO B 242 12.46 18.29 -12.65
C PRO B 242 12.47 17.30 -11.50
N GLN B 243 11.42 16.50 -11.39
CA GLN B 243 11.32 15.57 -10.28
C GLN B 243 12.51 14.61 -10.25
N GLU B 244 13.04 14.25 -11.42
CA GLU B 244 14.17 13.30 -11.46
C GLU B 244 15.43 13.92 -10.85
N TRP B 245 15.60 15.23 -10.97
CA TRP B 245 16.74 15.87 -10.33
C TRP B 245 16.56 15.83 -8.81
N VAL B 246 15.33 16.10 -8.35
CA VAL B 246 15.07 16.02 -6.91
C VAL B 246 15.44 14.64 -6.41
N GLN B 247 14.99 13.61 -7.11
CA GLN B 247 15.21 12.24 -6.69
C GLN B 247 16.70 11.92 -6.70
N HIS B 248 17.40 12.40 -7.73
CA HIS B 248 18.83 12.12 -7.85
C HIS B 248 19.67 12.85 -6.79
N LEU B 249 19.40 14.13 -6.58
CA LEU B 249 20.14 14.91 -5.59
C LEU B 249 19.95 14.31 -4.22
N TYR B 250 18.73 13.86 -3.95
CA TYR B 250 18.42 13.26 -2.65
C TYR B 250 19.24 11.98 -2.45
N GLN B 251 19.32 11.15 -3.50
CA GLN B 251 20.12 9.92 -3.45
C GLN B 251 21.57 10.23 -3.15
N GLU B 252 22.17 11.12 -3.94
CA GLU B 252 23.63 11.27 -3.87
C GLU B 252 24.12 12.03 -2.63
N SER B 253 23.31 12.95 -2.10
CA SER B 253 23.73 13.70 -0.91
C SER B 253 25.17 14.17 -1.03
N ALA B 254 25.53 14.72 -2.18
CA ALA B 254 26.88 15.22 -2.38
C ALA B 254 27.04 16.62 -1.79
N PRO B 255 28.11 16.83 -1.00
CA PRO B 255 28.38 18.16 -0.43
C PRO B 255 28.53 19.22 -1.51
N SER B 256 27.90 20.37 -1.30
CA SER B 256 28.05 21.50 -2.21
C SER B 256 29.32 22.25 -1.84
N LEU B 257 30.33 22.18 -2.72
CA LEU B 257 31.63 22.81 -2.43
C LEU B 257 31.53 24.33 -2.44
N SER B 258 30.68 24.88 -3.30
CA SER B 258 30.41 26.32 -3.29
C SER B 258 28.92 26.58 -3.41
N ASP B 259 28.54 27.86 -3.54
CA ASP B 259 27.14 28.23 -3.60
C ASP B 259 26.59 28.13 -5.00
N VAL B 260 27.45 27.95 -6.00
CA VAL B 260 27.01 27.88 -7.37
C VAL B 260 27.80 26.84 -8.14
N ALA B 261 27.08 25.88 -8.71
CA ALA B 261 27.67 24.90 -9.60
C ALA B 261 27.49 25.40 -11.03
N LEU B 262 28.57 25.45 -11.80
CA LEU B 262 28.47 25.74 -13.22
C LEU B 262 28.06 24.47 -13.96
N VAL B 263 26.99 24.56 -14.76
CA VAL B 263 26.56 23.45 -15.58
C VAL B 263 26.51 23.86 -17.06
N ARG B 264 26.66 22.88 -17.95
CA ARG B 264 26.64 23.10 -19.38
C ARG B 264 25.60 22.20 -20.05
N TYR B 265 24.75 22.81 -20.88
CA TYR B 265 23.80 22.05 -21.69
C TYR B 265 24.58 21.55 -22.90
N VAL B 266 24.69 20.24 -23.04
CA VAL B 266 25.55 19.68 -24.06
C VAL B 266 24.78 18.85 -25.07
N ASN B 267 25.22 18.92 -26.32
CA ASN B 267 24.69 18.09 -27.39
C ASN B 267 25.58 16.87 -27.49
N PRO B 268 25.13 15.74 -26.90
CA PRO B 268 25.99 14.55 -26.76
C PRO B 268 26.56 14.04 -28.08
N GLU B 269 25.82 14.24 -29.17
CA GLU B 269 26.26 13.77 -30.47
C GLU B 269 27.47 14.57 -30.96
N THR B 270 27.37 15.90 -30.90
CA THR B 270 28.43 16.77 -31.39
C THR B 270 29.44 17.12 -30.31
N GLY B 271 29.14 16.77 -29.06
CA GLY B 271 29.98 17.15 -27.93
C GLY B 271 29.98 18.64 -27.66
N ARG B 272 29.30 19.41 -28.49
CA ARG B 272 29.28 20.87 -28.36
C ARG B 272 28.46 21.32 -27.17
N THR B 273 28.96 22.34 -26.47
CA THR B 273 28.17 23.01 -25.45
C THR B 273 27.27 24.03 -26.12
N LEU B 274 25.97 23.93 -25.87
CA LEU B 274 24.98 24.84 -26.45
C LEU B 274 24.88 26.13 -25.65
N PHE B 275 24.90 26.02 -24.33
CA PHE B 275 24.91 27.19 -23.45
C PHE B 275 25.29 26.76 -22.04
N GLU B 276 25.60 27.71 -21.18
CA GLU B 276 25.93 27.37 -19.81
C GLU B 276 25.01 28.08 -18.84
N ALA B 277 24.90 27.54 -17.64
CA ALA B 277 23.98 28.04 -16.63
C ALA B 277 24.60 27.91 -15.24
N LYS B 278 24.06 28.68 -14.30
CA LYS B 278 24.42 28.53 -12.90
C LYS B 278 23.36 27.69 -12.21
N LEU B 279 23.78 26.62 -11.56
CA LEU B 279 22.89 25.83 -10.71
C LEU B 279 23.18 26.19 -9.25
N HIS B 280 22.27 26.93 -8.64
CA HIS B 280 22.49 27.49 -7.32
C HIS B 280 22.23 26.46 -6.23
N ARG B 281 22.85 26.68 -5.07
CA ARG B 281 22.79 25.76 -3.96
C ARG B 281 21.37 25.45 -3.54
N ASN B 282 20.49 26.45 -3.57
CA ASN B 282 19.13 26.22 -3.11
C ASN B 282 18.26 25.44 -4.10
N GLY B 283 18.80 25.17 -5.28
CA GLY B 283 18.13 24.27 -6.22
C GLY B 283 17.39 24.98 -7.35
N PHE B 284 18.09 25.83 -8.09
CA PHE B 284 17.49 26.48 -9.26
C PHE B 284 18.58 26.96 -10.21
N LEU B 285 18.19 27.22 -11.44
CA LEU B 285 19.12 27.61 -12.50
C LEU B 285 18.94 29.08 -12.87
N THR B 286 20.04 29.75 -13.22
CA THR B 286 19.95 31.04 -13.91
C THR B 286 20.78 31.02 -15.18
N VAL B 287 20.39 31.82 -16.16
CA VAL B 287 21.13 31.94 -17.40
C VAL B 287 21.23 33.42 -17.75
N ALA B 288 22.21 33.74 -18.58
CA ALA B 288 22.36 35.10 -19.09
C ALA B 288 21.49 35.28 -20.33
N ARG B 289 20.28 35.79 -20.13
CA ARG B 289 19.33 35.94 -21.22
C ARG B 289 18.33 37.05 -20.87
N ASN B 290 17.77 37.69 -21.89
CA ASN B 290 16.98 38.90 -21.67
C ASN B 290 15.60 38.91 -22.32
N SER B 291 15.11 37.74 -22.75
CA SER B 291 13.80 37.67 -23.39
C SER B 291 12.99 36.53 -22.82
N ALA B 292 11.67 36.63 -22.90
CA ALA B 292 10.81 35.54 -22.49
C ALA B 292 10.57 34.60 -23.68
N GLY B 293 10.48 33.31 -23.39
CA GLY B 293 10.15 32.34 -24.42
C GLY B 293 10.90 31.04 -24.21
N PRO B 294 10.63 30.06 -25.08
CA PRO B 294 11.30 28.76 -24.97
C PRO B 294 12.76 28.87 -25.39
N VAL B 295 13.56 27.92 -24.95
CA VAL B 295 14.92 27.77 -25.44
C VAL B 295 14.86 26.79 -26.59
N VAL B 296 15.42 27.16 -27.74
CA VAL B 296 15.44 26.24 -28.88
C VAL B 296 16.72 25.42 -28.82
N ALA B 297 16.57 24.11 -28.66
CA ALA B 297 17.72 23.23 -28.50
C ALA B 297 17.42 21.83 -29.01
N PRO B 298 18.45 21.12 -29.49
CA PRO B 298 18.28 19.75 -29.96
C PRO B 298 17.62 18.89 -28.89
N THR B 299 16.81 17.93 -29.33
CA THR B 299 16.10 17.04 -28.40
C THR B 299 17.03 16.11 -27.60
N ASN B 300 18.24 15.87 -28.10
CA ASN B 300 19.18 15.02 -27.39
C ASN B 300 19.99 15.72 -26.30
N GLY B 301 19.78 17.02 -26.11
CA GLY B 301 20.56 17.80 -25.15
C GLY B 301 20.22 17.55 -23.69
N TYR B 302 21.19 17.78 -22.81
CA TYR B 302 21.00 17.69 -21.35
C TYR B 302 22.10 18.41 -20.57
N PHE B 303 21.82 18.75 -19.31
CA PHE B 303 22.76 19.48 -18.45
C PHE B 303 23.79 18.53 -17.85
N ARG B 304 25.04 18.97 -17.85
CA ARG B 304 26.14 18.19 -17.29
C ARG B 304 26.92 19.09 -16.34
N PHE B 305 27.25 18.56 -15.16
CA PHE B 305 27.97 19.36 -14.17
C PHE B 305 29.41 19.59 -14.61
N ASP B 306 29.80 20.86 -14.63
CA ASP B 306 31.14 21.29 -15.07
C ASP B 306 32.07 21.45 -13.87
N SER B 307 31.79 22.44 -13.03
CA SER B 307 32.59 22.68 -11.83
C SER B 307 31.90 23.65 -10.87
N TRP B 308 32.53 23.92 -9.73
CA TRP B 308 32.04 24.92 -8.78
C TRP B 308 32.62 26.31 -9.03
N VAL B 309 31.80 27.34 -8.80
CA VAL B 309 32.21 28.73 -9.00
C VAL B 309 31.54 29.64 -7.96
N ASN B 310 31.62 30.96 -8.11
CA ASN B 310 30.94 31.82 -7.13
C ASN B 310 29.88 32.73 -7.74
N GLN B 311 29.14 33.41 -6.87
CA GLN B 311 28.05 34.29 -7.28
C GLN B 311 28.41 35.26 -8.41
N PHE B 312 29.69 35.62 -8.50
CA PHE B 312 30.13 36.66 -9.42
C PHE B 312 30.54 36.16 -10.82
N TYR B 313 30.60 34.84 -10.99
CA TYR B 313 30.94 34.27 -12.29
C TYR B 313 30.05 34.85 -13.39
N THR B 314 30.64 35.16 -14.54
CA THR B 314 29.89 35.75 -15.65
C THR B 314 29.60 34.71 -16.72
N LEU B 315 28.31 34.48 -16.98
CA LEU B 315 27.89 33.45 -17.92
C LEU B 315 27.90 33.96 -19.36
N ALA B 316 28.27 33.09 -20.30
CA ALA B 316 28.18 33.43 -21.71
C ALA B 316 26.72 33.69 -22.07
N PRO B 317 26.43 34.87 -22.65
CA PRO B 317 25.05 35.18 -23.03
C PRO B 317 24.44 34.12 -23.94
N MET B 318 23.14 33.87 -23.81
CA MET B 318 22.43 32.96 -24.69
C MET B 318 21.97 33.70 -25.94
N LYS C 5 -36.72 -16.71 17.94
CA LYS C 5 -36.18 -17.39 19.12
C LYS C 5 -35.46 -16.43 20.05
N PRO C 6 -35.91 -16.33 21.31
CA PRO C 6 -35.35 -15.35 22.23
C PRO C 6 -33.92 -15.70 22.67
N PHE C 7 -33.09 -14.68 22.83
CA PHE C 7 -31.71 -14.86 23.25
C PHE C 7 -31.66 -15.26 24.72
N THR C 8 -30.79 -16.21 25.07
CA THR C 8 -30.58 -16.59 26.45
C THR C 8 -29.09 -16.88 26.71
N LEU C 9 -28.68 -16.79 27.96
CA LEU C 9 -27.38 -17.29 28.40
C LEU C 9 -27.60 -18.50 29.29
N PRO C 10 -26.62 -19.41 29.38
CA PRO C 10 -26.81 -20.55 30.29
C PRO C 10 -26.79 -20.10 31.74
N ILE C 11 -27.39 -20.88 32.61
CA ILE C 11 -27.39 -20.58 34.04
C ILE C 11 -26.24 -21.35 34.70
N LEU C 12 -25.12 -20.66 34.86
CA LEU C 12 -23.86 -21.28 35.30
C LEU C 12 -23.07 -20.26 36.10
N THR C 13 -22.67 -20.64 37.32
CA THR C 13 -21.86 -19.77 38.19
C THR C 13 -20.43 -19.79 37.67
N LEU C 14 -19.55 -18.96 38.22
CA LEU C 14 -18.18 -18.93 37.73
C LEU C 14 -17.52 -20.27 38.01
N GLY C 15 -17.97 -20.93 39.07
CA GLY C 15 -17.43 -22.23 39.44
C GLY C 15 -17.93 -23.36 38.54
N GLU C 16 -18.80 -23.02 37.58
CA GLU C 16 -19.32 -24.01 36.64
C GLU C 16 -18.93 -23.63 35.22
N LEU C 17 -17.95 -22.74 35.06
CA LEU C 17 -17.53 -22.28 33.72
C LEU C 17 -16.08 -22.64 33.45
N THR C 18 -15.73 -22.79 32.18
CA THR C 18 -14.34 -23.01 31.83
C THR C 18 -13.88 -22.01 30.78
N ASN C 19 -12.57 -21.81 30.73
CA ASN C 19 -11.95 -20.82 29.85
C ASN C 19 -12.01 -21.32 28.41
N SER C 20 -12.22 -20.42 27.46
CA SER C 20 -12.34 -20.80 26.06
C SER C 20 -11.00 -20.63 25.34
N ARG C 21 -9.99 -20.14 26.06
CA ARG C 21 -8.67 -19.92 25.46
C ARG C 21 -7.61 -20.89 25.96
N PHE C 22 -7.87 -21.60 27.06
CA PHE C 22 -6.97 -22.65 27.56
C PHE C 22 -7.81 -23.58 28.46
N PRO C 23 -7.49 -24.87 28.52
CA PRO C 23 -8.38 -25.76 29.31
C PRO C 23 -8.21 -25.57 30.83
N LEU C 24 -8.89 -24.57 31.37
CA LEU C 24 -8.79 -24.20 32.77
C LEU C 24 -10.18 -23.81 33.26
N PRO C 25 -10.45 -23.97 34.57
CA PRO C 25 -11.70 -23.46 35.11
C PRO C 25 -11.63 -21.94 35.16
N ILE C 26 -12.77 -21.25 35.15
CA ILE C 26 -12.75 -19.81 35.35
C ILE C 26 -12.55 -19.56 36.84
N ASP C 27 -11.66 -18.63 37.17
CA ASP C 27 -11.36 -18.30 38.56
C ASP C 27 -12.06 -17.01 39.06
N VAL C 28 -12.01 -15.95 38.26
CA VAL C 28 -12.61 -14.66 38.66
C VAL C 28 -13.02 -13.86 37.44
N LEU C 29 -13.96 -12.95 37.61
CA LEU C 29 -14.18 -11.90 36.62
C LEU C 29 -13.14 -10.80 36.86
N TYR C 30 -12.70 -10.13 35.80
CA TYR C 30 -11.52 -9.28 35.87
C TYR C 30 -11.58 -8.13 34.88
N THR C 31 -11.09 -6.96 35.29
CA THR C 31 -10.95 -5.84 34.35
C THR C 31 -9.51 -5.32 34.37
N ASN C 32 -9.12 -4.67 33.27
CA ASN C 32 -7.81 -4.07 33.12
C ASN C 32 -7.91 -2.93 32.11
N PRO C 33 -8.53 -1.81 32.54
CA PRO C 33 -8.93 -0.68 31.67
C PRO C 33 -7.76 0.00 30.98
N ASN C 34 -6.57 -0.03 31.57
CA ASN C 34 -5.44 0.68 30.98
C ASN C 34 -4.59 -0.19 30.06
N GLU C 35 -5.14 -1.32 29.65
CA GLU C 35 -4.49 -2.21 28.70
C GLU C 35 -4.01 -1.44 27.47
N SER C 36 -2.74 -1.57 27.12
CA SER C 36 -2.19 -0.89 25.94
C SER C 36 -2.34 -1.75 24.67
N ALA C 37 -2.39 -3.07 24.83
CA ALA C 37 -2.46 -3.98 23.70
C ALA C 37 -3.84 -3.99 23.05
N ILE C 38 -3.87 -4.29 21.75
CA ILE C 38 -5.12 -4.52 21.06
C ILE C 38 -5.61 -5.92 21.44
N VAL C 39 -6.86 -6.03 21.84
CA VAL C 39 -7.43 -7.31 22.27
C VAL C 39 -8.09 -7.96 21.07
N GLN C 40 -7.50 -9.05 20.60
CA GLN C 40 -7.96 -9.68 19.37
C GLN C 40 -7.71 -11.20 19.45
N CYS C 41 -8.02 -11.80 20.59
CA CYS C 41 -7.87 -13.25 20.74
C CYS C 41 -8.75 -13.99 19.70
N GLN C 42 -8.37 -15.23 19.39
CA GLN C 42 -8.99 -15.95 18.29
C GLN C 42 -9.72 -17.21 18.76
N ASN C 43 -9.44 -17.65 19.98
CA ASN C 43 -10.25 -18.69 20.61
C ASN C 43 -11.27 -18.05 21.54
N GLY C 44 -12.37 -18.74 21.79
CA GLY C 44 -13.48 -18.17 22.55
C GLY C 44 -14.16 -17.01 21.82
N ARG C 45 -14.27 -17.09 20.51
CA ARG C 45 -14.90 -16.04 19.73
C ARG C 45 -16.15 -16.62 19.05
N CYS C 46 -17.29 -15.97 19.29
CA CYS C 46 -18.57 -16.41 18.75
C CYS C 46 -19.51 -15.20 18.80
N THR C 47 -20.18 -14.93 17.69
CA THR C 47 -21.20 -13.87 17.69
C THR C 47 -22.37 -14.28 18.57
N LEU C 48 -23.23 -13.34 18.97
CA LEU C 48 -24.33 -13.68 19.85
C LEU C 48 -25.36 -14.52 19.12
N ASP C 49 -25.35 -14.52 17.79
CA ASP C 49 -26.29 -15.35 17.06
C ASP C 49 -25.69 -16.72 16.68
N GLY C 50 -24.52 -17.03 17.25
CA GLY C 50 -24.03 -18.39 17.26
C GLY C 50 -23.06 -18.75 16.16
N GLU C 51 -22.43 -17.76 15.55
CA GLU C 51 -21.41 -18.02 14.55
C GLU C 51 -20.00 -18.01 15.17
N LEU C 52 -19.36 -19.17 15.21
CA LEU C 52 -17.99 -19.26 15.72
C LEU C 52 -17.05 -18.47 14.80
N GLN C 53 -16.03 -17.83 15.38
CA GLN C 53 -15.12 -17.01 14.58
C GLN C 53 -13.67 -17.32 14.94
N GLY C 54 -12.73 -16.78 14.18
CA GLY C 54 -11.31 -17.01 14.42
C GLY C 54 -10.97 -18.50 14.36
N THR C 55 -10.25 -19.00 15.35
CA THR C 55 -9.88 -20.41 15.41
C THR C 55 -10.78 -21.19 16.38
N THR C 56 -11.93 -20.62 16.70
CA THR C 56 -12.76 -21.22 17.74
C THR C 56 -13.47 -22.48 17.27
N GLN C 57 -13.44 -23.51 18.11
CA GLN C 57 -14.23 -24.72 17.86
C GLN C 57 -14.88 -25.15 19.17
N LEU C 58 -15.73 -26.18 19.13
CA LEU C 58 -16.61 -26.45 20.26
C LEU C 58 -16.01 -27.31 21.39
N LEU C 59 -15.02 -28.13 21.08
CA LEU C 59 -14.53 -29.10 22.08
C LEU C 59 -13.64 -28.45 23.13
N PRO C 60 -13.94 -28.64 24.42
CA PRO C 60 -13.01 -28.19 25.46
C PRO C 60 -11.66 -28.86 25.27
N THR C 61 -11.63 -30.09 24.75
CA THR C 61 -10.38 -30.84 24.58
C THR C 61 -9.57 -30.34 23.37
N GLY C 62 -10.19 -29.48 22.58
CA GLY C 62 -9.55 -29.02 21.35
C GLY C 62 -8.81 -27.69 21.54
N ILE C 63 -9.02 -27.04 22.69
CA ILE C 63 -8.44 -25.72 22.90
C ILE C 63 -6.93 -25.85 23.16
N CYS C 64 -6.12 -25.24 22.30
CA CYS C 64 -4.65 -25.33 22.35
C CYS C 64 -4.12 -26.75 22.16
N ALA C 65 -4.91 -27.58 21.48
CA ALA C 65 -4.49 -28.95 21.16
C ALA C 65 -3.99 -28.99 19.72
N PHE C 66 -3.14 -29.97 19.42
CA PHE C 66 -2.75 -30.25 18.04
C PHE C 66 -2.82 -31.75 17.79
N ARG C 67 -3.03 -32.10 16.52
CA ARG C 67 -3.02 -33.48 16.08
C ARG C 67 -2.22 -33.50 14.79
N GLY C 68 -1.44 -34.55 14.56
CA GLY C 68 -0.58 -34.60 13.38
C GLY C 68 0.38 -35.77 13.46
N LYS C 69 1.56 -35.60 12.85
CA LYS C 69 2.57 -36.66 12.84
C LYS C 69 3.95 -36.03 12.91
N VAL C 70 4.85 -36.60 13.71
CA VAL C 70 6.22 -36.12 13.71
C VAL C 70 6.86 -36.55 12.40
N THR C 71 7.63 -35.66 11.77
CA THR C 71 8.30 -36.01 10.51
C THR C 71 9.75 -36.40 10.75
N GLN C 72 10.40 -35.72 11.69
CA GLN C 72 11.78 -36.03 12.05
C GLN C 72 12.29 -35.17 13.21
N GLN C 73 13.40 -35.59 13.81
CA GLN C 73 14.11 -34.75 14.76
C GLN C 73 14.86 -33.68 13.97
N VAL C 74 14.94 -32.47 14.51
CA VAL C 74 15.55 -31.36 13.80
C VAL C 74 16.73 -30.80 14.59
N GLY C 80 17.75 -28.19 24.20
CA GLY C 80 17.02 -29.45 24.28
C GLY C 80 16.86 -30.10 22.92
N THR C 81 15.93 -31.04 22.82
CA THR C 81 15.71 -31.77 21.58
C THR C 81 14.47 -31.24 20.86
N HIS C 82 14.60 -31.04 19.55
CA HIS C 82 13.52 -30.41 18.78
C HIS C 82 12.98 -31.35 17.71
N TRP C 83 11.69 -31.21 17.41
CA TRP C 83 10.99 -32.14 16.53
C TRP C 83 10.01 -31.38 15.66
N ASN C 84 9.95 -31.77 14.39
CA ASN C 84 9.00 -31.19 13.45
C ASN C 84 7.74 -32.06 13.38
N MET C 85 6.56 -31.46 13.40
CA MET C 85 5.35 -32.25 13.16
C MET C 85 4.42 -31.55 12.19
N THR C 86 3.85 -32.32 11.28
CA THR C 86 2.78 -31.82 10.45
C THR C 86 1.54 -31.78 11.33
N VAL C 87 0.71 -30.76 11.16
CA VAL C 87 -0.56 -30.71 11.87
C VAL C 87 -1.72 -30.84 10.89
N THR C 88 -2.74 -31.57 11.31
CA THR C 88 -3.98 -31.72 10.56
C THR C 88 -5.07 -30.94 11.29
N ASN C 89 -6.30 -30.94 10.76
CA ASN C 89 -7.45 -30.55 11.56
C ASN C 89 -7.55 -31.49 12.74
N LEU C 90 -8.22 -31.05 13.81
CA LEU C 90 -8.31 -31.87 15.01
C LEU C 90 -9.08 -33.16 14.74
N ASN C 91 -9.89 -33.16 13.68
CA ASN C 91 -10.66 -34.35 13.36
C ASN C 91 -9.87 -35.31 12.46
N GLY C 92 -8.61 -35.00 12.23
CA GLY C 92 -7.72 -35.89 11.49
C GLY C 92 -7.62 -35.61 9.99
N THR C 93 -8.59 -34.89 9.43
CA THR C 93 -8.52 -34.56 8.01
C THR C 93 -7.40 -33.57 7.76
N PRO C 94 -6.85 -33.58 6.53
CA PRO C 94 -5.78 -32.62 6.21
C PRO C 94 -6.27 -31.20 6.35
N PHE C 95 -5.43 -30.32 6.88
CA PHE C 95 -5.78 -28.92 6.95
C PHE C 95 -5.61 -28.30 5.58
N ASP C 96 -6.69 -27.74 5.07
CA ASP C 96 -6.68 -27.03 3.80
C ASP C 96 -6.38 -25.55 4.07
N PRO C 97 -5.14 -25.10 3.81
CA PRO C 97 -4.78 -23.70 4.09
C PRO C 97 -5.61 -22.67 3.32
N THR C 98 -6.44 -23.09 2.37
CA THR C 98 -7.27 -22.15 1.62
C THR C 98 -8.59 -21.91 2.34
N GLU C 99 -8.87 -22.75 3.33
CA GLU C 99 -10.00 -22.56 4.24
C GLU C 99 -9.93 -21.15 4.83
N ASP C 100 -11.09 -20.50 5.01
CA ASP C 100 -11.11 -19.12 5.49
C ASP C 100 -11.00 -19.05 7.02
N VAL C 101 -9.94 -19.62 7.58
CA VAL C 101 -9.67 -19.52 9.01
C VAL C 101 -8.21 -19.11 9.21
N PRO C 102 -7.87 -18.59 10.39
CA PRO C 102 -6.47 -18.13 10.53
C PRO C 102 -5.48 -19.26 10.58
N ALA C 103 -5.96 -20.43 11.03
CA ALA C 103 -5.12 -21.62 11.28
C ALA C 103 -6.07 -22.74 11.67
N PRO C 104 -5.57 -23.99 11.80
CA PRO C 104 -6.47 -25.07 12.25
C PRO C 104 -7.23 -24.68 13.51
N LEU C 105 -8.52 -24.99 13.59
CA LEU C 105 -9.29 -24.61 14.77
C LEU C 105 -8.65 -25.23 16.01
N GLY C 106 -8.60 -24.47 17.10
CA GLY C 106 -7.99 -24.95 18.33
C GLY C 106 -6.57 -24.44 18.52
N THR C 107 -5.93 -24.04 17.43
CA THR C 107 -4.56 -23.49 17.49
C THR C 107 -4.47 -22.42 18.58
N PRO C 108 -3.41 -22.43 19.39
CA PRO C 108 -3.23 -21.38 20.42
C PRO C 108 -3.27 -19.96 19.82
N ASP C 109 -3.84 -19.00 20.54
CA ASP C 109 -3.98 -17.63 20.03
C ASP C 109 -3.10 -16.62 20.78
N PHE C 110 -2.03 -17.07 21.41
CA PHE C 110 -1.16 -16.14 22.12
C PHE C 110 0.30 -16.53 22.04
N SER C 111 1.17 -15.54 22.23
CA SER C 111 2.61 -15.73 22.25
C SER C 111 3.05 -16.36 23.57
N GLY C 112 3.81 -17.44 23.49
CA GLY C 112 4.36 -18.05 24.69
C GLY C 112 4.95 -19.42 24.46
N GLN C 113 5.53 -20.00 25.51
CA GLN C 113 6.00 -21.36 25.46
C GLN C 113 4.95 -22.22 26.13
N ILE C 114 4.16 -22.91 25.33
CA ILE C 114 3.06 -23.71 25.87
C ILE C 114 3.60 -25.10 26.23
N TYR C 115 3.33 -25.50 27.46
CA TYR C 115 3.83 -26.74 28.03
C TYR C 115 2.71 -27.75 28.04
N GLY C 116 3.02 -28.98 27.64
CA GLY C 116 2.01 -30.03 27.65
C GLY C 116 2.66 -31.38 27.44
N VAL C 117 1.87 -32.32 26.96
CA VAL C 117 2.37 -33.66 26.72
C VAL C 117 2.14 -34.06 25.27
N ILE C 118 3.20 -34.49 24.61
CA ILE C 118 3.10 -35.12 23.30
C ILE C 118 2.94 -36.64 23.50
N SER C 119 1.89 -37.22 22.93
CA SER C 119 1.69 -38.67 23.02
C SER C 119 1.50 -39.25 21.61
N GLN C 120 1.84 -40.53 21.45
CA GLN C 120 1.74 -41.19 20.17
C GLN C 120 1.18 -42.59 20.33
N ARG C 121 0.35 -43.01 19.39
CA ARG C 121 -0.06 -44.39 19.29
C ARG C 121 0.18 -44.84 17.87
N ASN C 122 1.07 -45.81 17.69
CA ASN C 122 1.49 -46.22 16.36
C ASN C 122 0.36 -46.79 15.51
N THR C 123 0.50 -46.64 14.19
CA THR C 123 -0.48 -47.14 13.24
C THR C 123 -0.27 -48.64 13.08
N ASN C 124 0.99 -49.04 13.01
CA ASN C 124 1.36 -50.44 12.87
C ASN C 124 1.33 -51.18 14.20
N THR C 125 0.82 -52.40 14.19
CA THR C 125 0.71 -53.19 15.41
C THR C 125 1.70 -54.33 15.38
N VAL C 126 1.89 -54.97 16.53
CA VAL C 126 2.84 -56.09 16.64
C VAL C 126 2.08 -57.40 16.88
N PRO C 127 2.26 -58.37 15.97
CA PRO C 127 1.58 -59.67 16.09
C PRO C 127 1.85 -60.36 17.41
N GLY C 128 3.09 -60.29 17.88
CA GLY C 128 3.48 -60.92 19.13
C GLY C 128 2.82 -60.28 20.34
N GLU C 129 2.36 -59.04 20.18
CA GLU C 129 1.72 -58.31 21.26
C GLU C 129 0.19 -58.36 21.15
N GLY C 130 -0.34 -59.42 20.53
CA GLY C 130 -1.76 -59.54 20.32
C GLY C 130 -2.27 -58.52 19.32
N ASN C 131 -1.40 -58.15 18.39
CA ASN C 131 -1.71 -57.13 17.39
C ASN C 131 -2.12 -55.82 18.06
N LEU C 132 -1.24 -55.29 18.91
CA LEU C 132 -1.47 -54.02 19.60
C LEU C 132 -0.30 -53.08 19.35
N PRO C 133 -0.59 -51.79 19.14
CA PRO C 133 0.46 -50.84 18.77
C PRO C 133 1.31 -50.39 19.96
N ALA C 134 2.52 -49.91 19.68
CA ALA C 134 3.39 -49.33 20.69
C ALA C 134 3.00 -47.88 20.95
N ASN C 135 3.32 -47.39 22.15
CA ASN C 135 2.94 -46.05 22.57
C ASN C 135 4.09 -45.34 23.24
N ARG C 136 4.05 -44.00 23.25
CA ARG C 136 4.93 -43.22 24.10
C ARG C 136 4.37 -41.83 24.31
N ALA C 137 4.66 -41.24 25.47
CA ALA C 137 4.29 -39.85 25.72
C ALA C 137 5.41 -39.16 26.49
N HIS C 138 5.63 -37.87 26.21
CA HIS C 138 6.64 -37.09 26.89
C HIS C 138 6.24 -35.64 27.03
N GLU C 139 6.72 -35.00 28.08
CA GLU C 139 6.54 -33.57 28.24
C GLU C 139 7.11 -32.87 27.02
N ALA C 140 6.44 -31.82 26.58
CA ALA C 140 6.90 -31.08 25.42
C ALA C 140 6.56 -29.61 25.58
N VAL C 141 7.20 -28.78 24.78
CA VAL C 141 6.94 -27.34 24.80
C VAL C 141 6.81 -26.84 23.37
N ILE C 142 5.80 -26.03 23.11
CA ILE C 142 5.61 -25.42 21.80
C ILE C 142 5.78 -23.91 21.94
N ALA C 143 6.77 -23.35 21.28
CA ALA C 143 7.02 -21.91 21.33
C ALA C 143 6.25 -21.23 20.20
N THR C 144 5.14 -20.57 20.51
CA THR C 144 4.24 -20.10 19.46
C THR C 144 4.74 -18.81 18.79
N TYR C 145 5.82 -18.23 19.31
CA TYR C 145 6.38 -17.00 18.73
C TYR C 145 7.52 -17.31 17.77
N SER C 146 7.91 -18.58 17.71
CA SER C 146 9.06 -19.01 16.92
C SER C 146 8.73 -19.03 15.44
N PRO C 147 9.71 -18.70 14.58
CA PRO C 147 9.43 -18.75 13.14
C PRO C 147 9.13 -20.17 12.67
N LYS C 148 9.39 -21.18 13.51
CA LYS C 148 9.04 -22.56 13.20
C LYS C 148 7.57 -22.89 13.52
N PHE C 149 6.85 -21.96 14.14
CA PHE C 149 5.43 -22.17 14.43
C PHE C 149 4.60 -21.68 13.25
N THR C 150 4.28 -22.59 12.34
CA THR C 150 3.54 -22.24 11.14
C THR C 150 2.35 -23.17 10.93
N PRO C 151 1.41 -23.17 11.89
CA PRO C 151 0.26 -24.06 11.81
C PRO C 151 -0.61 -23.81 10.57
N LYS C 152 -0.70 -22.56 10.12
CA LYS C 152 -1.46 -22.24 8.91
C LYS C 152 -0.84 -22.91 7.68
N LEU C 153 0.46 -23.18 7.72
CA LEU C 153 1.12 -23.89 6.62
C LEU C 153 1.18 -25.40 6.86
N GLY C 154 0.61 -25.85 7.98
CA GLY C 154 0.46 -27.27 8.26
C GLY C 154 1.62 -27.90 9.02
N ASN C 155 2.41 -27.07 9.70
CA ASN C 155 3.66 -27.56 10.28
C ASN C 155 4.07 -26.75 11.51
N ILE C 156 4.43 -27.43 12.60
CA ILE C 156 4.94 -26.75 13.78
C ILE C 156 6.13 -27.50 14.38
N GLN C 157 6.85 -26.87 15.29
CA GLN C 157 7.91 -27.55 16.02
C GLN C 157 7.62 -27.60 17.51
N PHE C 158 8.08 -28.66 18.17
CA PHE C 158 8.06 -28.70 19.62
C PHE C 158 9.38 -29.23 20.13
N SER C 159 9.67 -28.96 21.41
CA SER C 159 10.89 -29.45 22.03
C SER C 159 10.55 -30.37 23.19
N THR C 160 11.47 -31.27 23.51
CA THR C 160 11.30 -32.19 24.61
C THR C 160 12.56 -32.17 25.46
N TRP C 161 12.42 -32.59 26.72
CA TRP C 161 13.57 -32.87 27.57
C TRP C 161 14.11 -34.24 27.17
N GLU C 162 13.20 -35.19 27.00
CA GLU C 162 13.52 -36.50 26.43
C GLU C 162 14.37 -36.29 25.19
N THR C 163 15.34 -37.16 24.96
CA THR C 163 16.29 -36.91 23.88
C THR C 163 16.10 -37.78 22.63
N GLN C 164 15.30 -38.83 22.71
CA GLN C 164 15.24 -39.75 21.58
C GLN C 164 13.93 -40.53 21.41
N ASP C 165 13.14 -40.65 22.47
CA ASP C 165 11.97 -41.54 22.45
C ASP C 165 10.71 -40.89 21.85
N VAL C 166 10.86 -40.30 20.67
CA VAL C 166 9.75 -39.81 19.86
C VAL C 166 9.89 -40.42 18.48
N SER C 167 8.80 -40.97 17.93
CA SER C 167 8.88 -41.71 16.67
C SER C 167 8.39 -40.90 15.47
N SER C 168 9.06 -41.04 14.34
CA SER C 168 8.67 -40.32 13.13
C SER C 168 7.58 -41.10 12.40
N GLY C 169 6.68 -40.38 11.74
CA GLY C 169 5.64 -40.98 10.93
C GLY C 169 4.47 -41.58 11.69
N GLN C 170 4.39 -41.32 13.00
CA GLN C 170 3.35 -41.92 13.83
C GLN C 170 2.37 -40.86 14.36
N PRO C 171 1.09 -41.23 14.45
CA PRO C 171 0.06 -40.30 14.92
C PRO C 171 0.40 -39.69 16.26
N THR C 172 0.28 -38.37 16.35
CA THR C 172 0.79 -37.60 17.47
C THR C 172 -0.28 -36.62 17.98
N LYS C 173 -0.39 -36.51 19.30
CA LYS C 173 -1.35 -35.65 19.96
C LYS C 173 -0.60 -34.75 20.93
N PHE C 174 -0.95 -33.47 20.96
CA PHE C 174 -0.44 -32.56 21.99
C PHE C 174 -1.58 -32.22 22.93
N THR C 175 -1.40 -32.52 24.21
CA THR C 175 -2.36 -32.17 25.25
C THR C 175 -1.77 -31.02 26.05
N PRO C 176 -2.39 -29.84 25.97
CA PRO C 176 -1.82 -28.67 26.68
C PRO C 176 -2.01 -28.80 28.19
N VAL C 177 -1.04 -28.30 28.97
CA VAL C 177 -1.15 -28.33 30.42
C VAL C 177 -0.95 -26.95 31.06
N GLY C 178 -0.03 -26.15 30.52
CA GLY C 178 0.19 -24.81 31.04
C GLY C 178 1.26 -24.08 30.25
N LEU C 179 2.08 -23.30 30.95
CA LEU C 179 3.21 -22.60 30.32
C LEU C 179 4.52 -23.17 30.84
N ALA C 180 5.57 -23.12 30.01
CA ALA C 180 6.89 -23.61 30.43
C ALA C 180 7.58 -22.59 31.33
N SER C 181 7.34 -21.30 31.05
CA SER C 181 8.01 -20.21 31.76
C SER C 181 7.29 -18.91 31.43
N VAL C 182 7.45 -17.89 32.27
CA VAL C 182 7.00 -16.55 31.92
C VAL C 182 8.10 -15.52 32.16
N ASP C 183 9.35 -15.97 32.16
CA ASP C 183 10.45 -15.02 32.31
C ASP C 183 10.64 -14.25 31.00
N ALA C 184 11.51 -13.24 31.01
CA ALA C 184 11.63 -12.33 29.89
C ALA C 184 11.78 -13.06 28.55
N ASN C 185 12.63 -14.08 28.53
CA ASN C 185 12.98 -14.76 27.29
C ASN C 185 11.95 -15.81 26.81
N SER C 186 10.83 -15.94 27.51
CA SER C 186 9.80 -16.90 27.10
C SER C 186 8.65 -16.21 26.36
N HIS C 187 8.72 -14.89 26.28
CA HIS C 187 7.81 -14.11 25.45
C HIS C 187 6.32 -14.41 25.65
N PHE C 188 5.90 -14.50 26.91
CA PHE C 188 4.48 -14.67 27.19
C PHE C 188 3.79 -13.31 27.11
N ASP C 189 2.86 -13.19 26.15
CA ASP C 189 1.99 -12.02 26.07
C ASP C 189 0.67 -12.53 25.54
N GLN C 190 -0.35 -12.52 26.39
CA GLN C 190 -1.58 -13.20 26.02
C GLN C 190 -2.34 -12.46 24.90
N TRP C 191 -1.99 -11.20 24.63
CA TRP C 191 -2.70 -10.47 23.57
C TRP C 191 -1.89 -10.33 22.29
N THR C 192 -0.70 -10.91 22.25
CA THR C 192 0.08 -10.95 21.02
C THR C 192 -0.22 -12.23 20.26
N LEU C 193 -0.78 -12.11 19.07
CA LEU C 193 -1.12 -13.29 18.29
C LEU C 193 0.14 -13.93 17.73
N PRO C 194 0.15 -15.27 17.57
CA PRO C 194 1.23 -15.91 16.83
C PRO C 194 1.14 -15.47 15.38
N SER C 195 2.23 -15.54 14.64
CA SER C 195 2.17 -15.38 13.19
C SER C 195 1.91 -16.76 12.61
N TYR C 196 0.66 -17.03 12.24
CA TYR C 196 0.26 -18.41 11.95
C TYR C 196 0.98 -18.99 10.74
N SER C 197 1.47 -18.14 9.84
CA SER C 197 2.24 -18.62 8.69
C SER C 197 3.74 -18.32 8.80
N GLY C 198 4.19 -17.86 9.96
CA GLY C 198 5.60 -17.67 10.20
C GLY C 198 6.07 -16.23 10.04
N ALA C 199 7.38 -16.04 10.10
CA ALA C 199 7.94 -14.70 10.13
C ALA C 199 7.57 -13.89 8.88
N LEU C 200 7.29 -12.61 9.07
CA LEU C 200 7.01 -11.69 7.98
C LEU C 200 5.72 -11.98 7.22
N THR C 201 4.78 -12.71 7.82
CA THR C 201 3.50 -12.94 7.17
C THR C 201 2.38 -12.21 7.89
N LEU C 202 1.29 -11.96 7.18
CA LEU C 202 0.11 -11.32 7.73
C LEU C 202 -0.93 -12.39 8.05
N ASN C 203 -1.40 -12.44 9.30
CA ASN C 203 -2.52 -13.34 9.67
C ASN C 203 -3.77 -12.95 8.93
N MET C 204 -4.62 -13.92 8.59
CA MET C 204 -5.82 -13.65 7.80
C MET C 204 -7.05 -14.32 8.41
N ASN C 205 -8.23 -13.84 8.01
CA ASN C 205 -9.49 -14.39 8.49
C ASN C 205 -9.67 -14.29 9.99
N LEU C 206 -9.13 -13.24 10.59
CA LEU C 206 -9.19 -13.07 12.04
C LEU C 206 -10.58 -12.67 12.55
N ALA C 207 -10.93 -13.13 13.74
CA ALA C 207 -12.01 -12.50 14.49
C ALA C 207 -11.58 -11.05 14.77
N PRO C 208 -12.51 -10.11 14.70
CA PRO C 208 -12.15 -8.69 14.85
C PRO C 208 -11.63 -8.36 16.24
N SER C 209 -10.83 -7.31 16.36
CA SER C 209 -10.46 -6.80 17.68
C SER C 209 -11.72 -6.31 18.42
N VAL C 210 -11.64 -6.22 19.75
CA VAL C 210 -12.77 -5.78 20.57
C VAL C 210 -12.30 -4.70 21.53
N ALA C 211 -13.17 -3.75 21.80
CA ALA C 211 -12.86 -2.61 22.66
C ALA C 211 -14.15 -1.95 23.10
N PRO C 212 -14.13 -1.24 24.25
CA PRO C 212 -15.32 -0.46 24.60
C PRO C 212 -15.43 0.70 23.62
N VAL C 213 -16.65 1.12 23.27
CA VAL C 213 -16.82 2.24 22.36
C VAL C 213 -17.69 3.31 23.01
N PHE C 214 -17.58 3.41 24.33
CA PHE C 214 -18.46 4.26 25.13
C PHE C 214 -17.60 4.74 26.29
N PRO C 215 -17.64 6.05 26.59
CA PRO C 215 -16.72 6.55 27.61
C PRO C 215 -16.97 5.96 28.99
N GLY C 216 -15.89 5.69 29.72
CA GLY C 216 -16.01 5.15 31.06
C GLY C 216 -16.15 3.63 31.07
N GLU C 217 -16.25 3.03 29.90
CA GLU C 217 -16.39 1.57 29.82
C GLU C 217 -15.07 0.86 29.58
N CYS C 218 -15.01 -0.39 30.02
CA CYS C 218 -13.85 -1.24 29.78
C CYS C 218 -14.35 -2.66 29.53
N LEU C 219 -13.48 -3.48 28.95
CA LEU C 219 -13.78 -4.90 28.76
C LEU C 219 -13.88 -5.63 30.10
N LEU C 220 -14.77 -6.62 30.17
CA LEU C 220 -14.84 -7.50 31.33
C LEU C 220 -14.44 -8.90 30.87
N PHE C 221 -13.47 -9.50 31.54
CA PHE C 221 -12.93 -10.80 31.16
C PHE C 221 -13.30 -11.91 32.13
N PHE C 222 -13.31 -13.14 31.64
CA PHE C 222 -13.34 -14.30 32.51
C PHE C 222 -11.90 -14.80 32.65
N ARG C 223 -11.34 -14.69 33.84
CA ARG C 223 -9.92 -14.92 34.03
C ARG C 223 -9.63 -16.29 34.67
N SER C 224 -8.61 -16.97 34.17
CA SER C 224 -8.13 -18.23 34.74
C SER C 224 -6.64 -18.13 34.97
N PHE C 225 -6.14 -18.77 36.02
CA PHE C 225 -4.70 -18.83 36.25
C PHE C 225 -4.14 -20.11 35.64
N ILE C 226 -3.00 -19.99 34.96
CA ILE C 226 -2.48 -21.06 34.13
C ILE C 226 -1.25 -21.67 34.79
N PRO C 227 -1.17 -23.01 34.86
CA PRO C 227 -0.01 -23.62 35.54
C PRO C 227 1.34 -23.30 34.89
N LEU C 228 2.41 -23.41 35.66
CA LEU C 228 3.77 -23.16 35.19
C LEU C 228 4.68 -24.36 35.47
N LYS C 229 5.49 -24.74 34.49
CA LYS C 229 6.42 -25.86 34.63
C LYS C 229 7.49 -25.55 35.67
N GLY C 230 7.92 -24.29 35.73
CA GLY C 230 8.94 -23.87 36.67
C GLY C 230 9.09 -22.36 36.69
N GLY C 231 9.96 -21.86 37.57
CA GLY C 231 10.21 -20.44 37.67
C GLY C 231 9.16 -19.73 38.50
N TYR C 232 9.25 -18.40 38.55
CA TYR C 232 8.33 -17.59 39.36
C TYR C 232 7.28 -16.94 38.47
N GLY C 233 6.10 -16.72 39.03
CA GLY C 233 5.03 -16.06 38.31
C GLY C 233 3.65 -16.53 38.74
N ASN C 234 2.65 -15.75 38.36
CA ASN C 234 1.25 -16.14 38.56
C ASN C 234 0.44 -15.81 37.29
N PRO C 235 0.87 -16.36 36.14
CA PRO C 235 0.26 -15.99 34.86
C PRO C 235 -1.23 -16.30 34.77
N ALA C 236 -1.95 -15.49 34.00
CA ALA C 236 -3.38 -15.68 33.78
C ALA C 236 -3.71 -15.59 32.29
N ILE C 237 -4.83 -16.19 31.92
CA ILE C 237 -5.39 -16.09 30.58
C ILE C 237 -6.82 -15.59 30.73
N ASP C 238 -7.12 -14.51 30.03
CA ASP C 238 -8.43 -13.88 30.09
C ASP C 238 -9.19 -14.18 28.82
N CYS C 239 -10.40 -14.70 28.94
CA CYS C 239 -11.20 -14.93 27.74
C CYS C 239 -12.40 -14.01 27.74
N LEU C 240 -12.95 -13.78 26.56
CA LEU C 240 -14.04 -12.81 26.39
C LEU C 240 -15.37 -13.44 26.80
N MET C 241 -15.50 -14.74 26.56
CA MET C 241 -16.66 -15.51 27.00
C MET C 241 -16.21 -16.94 27.30
N PRO C 242 -16.80 -17.56 28.33
CA PRO C 242 -16.36 -18.92 28.67
C PRO C 242 -16.79 -19.91 27.59
N GLN C 243 -16.18 -21.09 27.55
CA GLN C 243 -16.45 -22.06 26.51
C GLN C 243 -17.93 -22.46 26.49
N GLU C 244 -18.56 -22.50 27.66
CA GLU C 244 -19.97 -22.92 27.75
C GLU C 244 -20.88 -21.89 27.10
N TRP C 245 -20.51 -20.61 27.12
CA TRP C 245 -21.28 -19.61 26.40
C TRP C 245 -21.13 -19.81 24.89
N VAL C 246 -19.93 -20.13 24.42
CA VAL C 246 -19.72 -20.37 22.99
C VAL C 246 -20.62 -21.54 22.59
N GLN C 247 -20.61 -22.59 23.41
CA GLN C 247 -21.36 -23.80 23.07
C GLN C 247 -22.86 -23.52 23.09
N HIS C 248 -23.28 -22.73 24.06
CA HIS C 248 -24.71 -22.38 24.18
C HIS C 248 -25.21 -21.49 23.03
N LEU C 249 -24.44 -20.45 22.72
CA LEU C 249 -24.80 -19.51 21.66
C LEU C 249 -24.89 -20.25 20.33
N TYR C 250 -23.93 -21.14 20.10
CA TYR C 250 -23.94 -21.98 18.89
C TYR C 250 -25.21 -22.85 18.83
N GLN C 251 -25.61 -23.45 19.94
CA GLN C 251 -26.82 -24.29 19.94
C GLN C 251 -28.06 -23.47 19.63
N GLU C 252 -28.18 -22.32 20.31
CA GLU C 252 -29.43 -21.54 20.23
C GLU C 252 -29.58 -20.82 18.90
N SER C 253 -28.48 -20.33 18.36
CA SER C 253 -28.51 -19.54 17.13
C SER C 253 -29.65 -18.53 17.17
N ALA C 254 -29.72 -17.74 18.23
CA ALA C 254 -30.79 -16.76 18.38
C ALA C 254 -30.45 -15.47 17.62
N PRO C 255 -31.38 -14.98 16.78
CA PRO C 255 -31.12 -13.73 16.08
C PRO C 255 -30.79 -12.59 17.03
N SER C 256 -29.80 -11.77 16.69
CA SER C 256 -29.48 -10.60 17.50
C SER C 256 -30.38 -9.47 17.06
N LEU C 257 -31.13 -8.87 18.01
CA LEU C 257 -32.13 -7.87 17.67
C LEU C 257 -31.61 -6.43 17.77
N SER C 258 -30.42 -6.26 18.33
CA SER C 258 -29.68 -5.01 18.18
C SER C 258 -28.21 -5.36 18.26
N ASP C 259 -27.35 -4.37 18.40
CA ASP C 259 -25.92 -4.64 18.50
C ASP C 259 -25.45 -4.89 19.92
N VAL C 260 -26.33 -4.68 20.90
CA VAL C 260 -25.95 -4.81 22.31
C VAL C 260 -27.06 -5.45 23.14
N ALA C 261 -26.74 -6.58 23.77
CA ALA C 261 -27.63 -7.19 24.75
C ALA C 261 -27.28 -6.68 26.15
N LEU C 262 -28.18 -5.97 26.80
CA LEU C 262 -27.99 -5.61 28.20
C LEU C 262 -28.16 -6.86 29.05
N VAL C 263 -27.18 -7.16 29.91
CA VAL C 263 -27.28 -8.31 30.82
C VAL C 263 -27.08 -7.83 32.25
N ARG C 264 -27.55 -8.63 33.21
CA ARG C 264 -27.43 -8.30 34.63
C ARG C 264 -26.77 -9.46 35.36
N TYR C 265 -25.83 -9.15 36.24
CA TYR C 265 -25.19 -10.18 37.05
C TYR C 265 -26.05 -10.24 38.28
N VAL C 266 -26.72 -11.38 38.48
CA VAL C 266 -27.73 -11.44 39.54
C VAL C 266 -27.34 -12.43 40.63
N ASN C 267 -27.75 -12.12 41.86
CA ASN C 267 -27.67 -13.08 42.94
C ASN C 267 -29.02 -13.80 43.02
N PRO C 268 -29.05 -15.09 42.65
CA PRO C 268 -30.32 -15.81 42.60
C PRO C 268 -30.96 -15.96 43.99
N GLU C 269 -30.13 -15.99 45.02
CA GLU C 269 -30.61 -16.04 46.41
C GLU C 269 -31.49 -14.84 46.73
N THR C 270 -30.95 -13.64 46.56
CA THR C 270 -31.63 -12.41 46.95
C THR C 270 -32.43 -11.76 45.81
N GLY C 271 -32.25 -12.27 44.60
CA GLY C 271 -32.89 -11.69 43.42
C GLY C 271 -32.30 -10.36 42.95
N ARG C 272 -31.31 -9.84 43.68
CA ARG C 272 -30.75 -8.53 43.38
C ARG C 272 -29.77 -8.56 42.21
N THR C 273 -29.72 -7.46 41.47
CA THR C 273 -28.70 -7.26 40.45
C THR C 273 -27.46 -6.66 41.11
N LEU C 274 -26.33 -7.33 40.98
CA LEU C 274 -25.06 -6.84 41.53
C LEU C 274 -24.44 -5.75 40.64
N PHE C 275 -24.51 -5.94 39.33
CA PHE C 275 -24.09 -4.91 38.38
C PHE C 275 -24.64 -5.25 37.00
N GLU C 276 -24.62 -4.31 36.08
CA GLU C 276 -25.03 -4.62 34.73
C GLU C 276 -23.86 -4.48 33.76
N ALA C 277 -23.98 -5.13 32.60
CA ALA C 277 -22.96 -5.10 31.58
C ALA C 277 -23.61 -5.09 30.21
N LYS C 278 -22.84 -4.68 29.21
CA LYS C 278 -23.26 -4.80 27.82
C LYS C 278 -22.61 -6.03 27.23
N LEU C 279 -23.42 -6.90 26.66
CA LEU C 279 -22.92 -8.05 25.91
C LEU C 279 -23.06 -7.72 24.42
N HIS C 280 -21.94 -7.47 23.76
CA HIS C 280 -21.92 -6.97 22.38
C HIS C 280 -22.10 -8.07 21.34
N ARG C 281 -22.65 -7.70 20.19
CA ARG C 281 -22.92 -8.64 19.10
C ARG C 281 -21.75 -9.56 18.74
N ASN C 282 -20.54 -9.03 18.69
CA ASN C 282 -19.39 -9.85 18.33
C ASN C 282 -18.90 -10.82 19.41
N GLY C 283 -19.52 -10.74 20.58
CA GLY C 283 -19.28 -11.72 21.64
C GLY C 283 -18.27 -11.27 22.68
N PHE C 284 -18.56 -10.16 23.35
CA PHE C 284 -17.69 -9.70 24.45
C PHE C 284 -18.48 -8.78 25.36
N LEU C 285 -17.98 -8.61 26.58
CA LEU C 285 -18.64 -7.79 27.59
C LEU C 285 -17.88 -6.50 27.87
N THR C 286 -18.61 -5.42 28.12
CA THR C 286 -18.02 -4.23 28.73
C THR C 286 -18.83 -3.80 29.97
N VAL C 287 -18.16 -3.11 30.89
CA VAL C 287 -18.79 -2.62 32.11
C VAL C 287 -18.26 -1.22 32.36
N ALA C 288 -18.96 -0.48 33.22
CA ALA C 288 -18.52 0.85 33.65
C ALA C 288 -17.61 0.75 34.86
N ARG C 289 -16.30 0.74 34.63
CA ARG C 289 -15.32 0.61 35.71
C ARG C 289 -14.00 1.21 35.27
N ASN C 290 -13.20 1.67 36.23
CA ASN C 290 -11.96 2.37 35.91
C ASN C 290 -10.73 1.87 36.68
N SER C 291 -10.82 0.66 37.22
CA SER C 291 -9.70 0.08 37.96
C SER C 291 -9.39 -1.32 37.43
N ALA C 292 -8.16 -1.76 37.62
CA ALA C 292 -7.79 -3.12 37.24
C ALA C 292 -8.00 -4.03 38.44
N GLY C 293 -8.40 -5.27 38.18
CA GLY C 293 -8.46 -6.26 39.23
C GLY C 293 -9.72 -7.09 39.18
N PRO C 294 -9.82 -8.04 40.10
CA PRO C 294 -10.97 -8.95 40.15
C PRO C 294 -12.25 -8.21 40.52
N VAL C 295 -13.38 -8.81 40.15
CA VAL C 295 -14.67 -8.40 40.64
C VAL C 295 -14.97 -9.25 41.85
N VAL C 296 -15.34 -8.62 42.96
CA VAL C 296 -15.68 -9.36 44.17
C VAL C 296 -17.17 -9.61 44.12
N ALA C 297 -17.55 -10.88 44.02
CA ALA C 297 -18.94 -11.23 43.81
C ALA C 297 -19.24 -12.55 44.49
N PRO C 298 -20.48 -12.72 44.98
CA PRO C 298 -20.93 -13.96 45.61
C PRO C 298 -20.77 -15.13 44.65
N THR C 299 -20.41 -16.30 45.16
CA THR C 299 -20.11 -17.45 44.30
C THR C 299 -21.33 -17.98 43.55
N ASN C 300 -22.53 -17.56 43.95
CA ASN C 300 -23.74 -18.05 43.29
C ASN C 300 -24.21 -17.18 42.12
N GLY C 301 -23.47 -16.12 41.82
CA GLY C 301 -23.92 -15.15 40.83
C GLY C 301 -23.74 -15.62 39.40
N TYR C 302 -24.55 -15.08 38.50
CA TYR C 302 -24.38 -15.33 37.06
C TYR C 302 -25.11 -14.29 36.23
N PHE C 303 -24.75 -14.20 34.95
CA PHE C 303 -25.38 -13.23 34.05
C PHE C 303 -26.72 -13.74 33.53
N ARG C 304 -27.65 -12.81 33.38
CA ARG C 304 -28.96 -13.09 32.82
C ARG C 304 -29.25 -12.00 31.78
N PHE C 305 -29.77 -12.41 30.62
CA PHE C 305 -30.18 -11.46 29.59
C PHE C 305 -31.32 -10.55 30.09
N ASP C 306 -31.20 -9.25 29.83
CA ASP C 306 -32.25 -8.30 30.17
C ASP C 306 -33.02 -7.86 28.92
N SER C 307 -32.34 -7.26 27.96
CA SER C 307 -33.01 -6.75 26.76
C SER C 307 -32.02 -6.27 25.71
N TRP C 308 -32.49 -6.11 24.48
CA TRP C 308 -31.66 -5.55 23.40
C TRP C 308 -31.75 -4.04 23.46
N VAL C 309 -30.62 -3.37 23.67
CA VAL C 309 -30.62 -1.90 23.81
C VAL C 309 -29.89 -1.23 22.64
N ASN C 310 -30.06 0.08 22.49
CA ASN C 310 -29.43 0.77 21.38
C ASN C 310 -28.00 1.18 21.74
N GLN C 311 -27.40 2.06 20.94
CA GLN C 311 -26.00 2.42 21.13
C GLN C 311 -25.82 3.56 22.12
N PHE C 312 -26.91 4.01 22.75
CA PHE C 312 -26.88 5.16 23.65
C PHE C 312 -27.00 4.76 25.11
N TYR C 313 -26.95 3.47 25.41
CA TYR C 313 -27.22 3.00 26.76
C TYR C 313 -26.08 3.31 27.72
N THR C 314 -26.41 3.95 28.83
CA THR C 314 -25.42 4.24 29.86
C THR C 314 -25.51 3.23 31.01
N LEU C 315 -24.38 2.58 31.29
CA LEU C 315 -24.33 1.56 32.34
C LEU C 315 -24.11 2.19 33.70
N ALA C 316 -24.79 1.69 34.71
CA ALA C 316 -24.52 2.10 36.07
C ALA C 316 -23.12 1.64 36.46
N PRO C 317 -22.31 2.54 37.05
CA PRO C 317 -20.96 2.18 37.47
C PRO C 317 -20.92 1.00 38.45
N MET C 318 -19.84 0.23 38.40
CA MET C 318 -19.72 -0.96 39.22
C MET C 318 -19.30 -0.62 40.64
C1 EDO D . 9.24 8.62 -26.35
O1 EDO D . 8.17 8.69 -27.30
C2 EDO D . 9.32 7.20 -25.78
O2 EDO D . 8.09 6.90 -25.10
H11 EDO D . 9.06 9.32 -25.53
H12 EDO D . 10.19 8.87 -26.82
HO1 EDO D . 8.13 9.59 -27.66
H21 EDO D . 10.16 7.12 -25.08
H22 EDO D . 9.48 6.49 -26.60
HO2 EDO D . 8.13 6.00 -24.74
C1 EDO E . 16.01 7.46 -7.68
O1 EDO E . 14.64 7.66 -8.07
C2 EDO E . 16.75 6.60 -8.68
O2 EDO E . 18.16 6.64 -8.39
H11 EDO E . 16.05 6.99 -6.70
H12 EDO E . 16.50 8.43 -7.59
HO1 EDO E . 14.19 8.21 -7.40
H21 EDO E . 16.39 5.57 -8.63
H22 EDO E . 16.58 6.97 -9.69
HO2 EDO E . 18.64 6.10 -9.03
C1 EDO F . 1.90 12.15 -21.22
O1 EDO F . 0.81 11.70 -22.02
C2 EDO F . 3.05 11.17 -21.28
O2 EDO F . 4.09 11.57 -20.38
H11 EDO F . 1.57 12.26 -20.18
H12 EDO F . 2.24 13.13 -21.56
HO1 EDO F . 0.08 12.34 -21.96
H21 EDO F . 2.70 10.17 -21.01
H22 EDO F . 3.44 11.12 -22.30
HO2 EDO F . 4.83 10.95 -20.41
C1 FUC G . -15.87 24.11 -23.12
C2 FUC G . -15.70 22.71 -23.71
C3 FUC G . -16.08 22.76 -25.15
C4 FUC G . -15.32 23.82 -25.92
C5 FUC G . -15.44 25.16 -25.26
C6 FUC G . -14.60 26.24 -25.87
O1 FUC G . -17.23 24.41 -23.08
O2 FUC G . -16.45 21.69 -23.05
O3 FUC G . -15.83 21.45 -25.73
O4 FUC G . -13.97 23.37 -25.97
O5 FUC G . -15.08 25.04 -23.84
C1 EDO H . -1.71 20.14 -23.89
O1 EDO H . -0.45 20.51 -24.45
C2 EDO H . -1.55 19.97 -22.39
O2 EDO H . -2.24 18.80 -21.98
H11 EDO H . -2.05 19.20 -24.34
H12 EDO H . -2.46 20.91 -24.10
HO1 EDO H . -0.55 20.63 -25.41
H21 EDO H . -0.49 19.88 -22.15
H22 EDO H . -1.94 20.85 -21.88
HO2 EDO H . -2.15 18.69 -21.02
C1 EDO I . 16.79 9.94 -11.94
O1 EDO I . 15.75 9.33 -12.71
C2 EDO I . 18.02 9.04 -11.96
O2 EDO I . 19.06 9.66 -11.20
H11 EDO I . 16.46 10.08 -10.92
H12 EDO I . 17.04 10.92 -12.37
HO1 EDO I . 14.97 9.90 -12.70
H21 EDO I . 17.78 8.07 -11.54
H22 EDO I . 18.36 8.90 -13.00
HO2 EDO I . 19.85 9.09 -11.20
C1 EDO J . -0.78 9.59 -3.42
O1 EDO J . -2.19 9.39 -3.53
C2 EDO J . -0.04 8.57 -4.29
O2 EDO J . 1.37 8.68 -4.06
H11 EDO J . -0.47 9.48 -2.38
H12 EDO J . -0.53 10.60 -3.76
HO1 EDO J . -2.65 10.05 -2.98
H21 EDO J . -0.38 7.55 -4.04
H22 EDO J . -0.26 8.75 -5.34
HO2 EDO J . 1.83 8.03 -4.62
C1 EDO K . 5.67 11.50 2.42
O1 EDO K . 4.71 12.39 1.85
C2 EDO K . 5.14 10.69 3.60
O2 EDO K . 3.72 10.68 3.73
H11 EDO K . 6.53 12.09 2.74
H12 EDO K . 6.01 10.82 1.65
HO1 EDO K . 5.11 12.88 1.10
H21 EDO K . 5.49 9.66 3.51
H22 EDO K . 5.57 11.10 4.53
HO2 EDO K . 3.46 10.14 4.50
C1 FUC L . -20.94 1.68 -7.79
C2 FUC L . -20.73 2.97 -7.00
C3 FUC L . -21.65 2.98 -5.84
C4 FUC L . -21.51 1.73 -4.98
C5 FUC L . -21.65 0.48 -5.81
C6 FUC L . -21.39 -0.79 -5.06
O1 FUC L . -22.21 1.72 -8.38
O2 FUC L . -20.90 4.17 -7.76
O3 FUC L . -21.37 4.15 -5.05
O4 FUC L . -20.23 1.82 -4.36
O5 FUC L . -20.74 0.56 -6.95
C1 EDO M . -24.14 -25.61 29.05
O1 EDO M . -22.71 -25.79 29.10
C2 EDO M . -24.48 -24.56 28.01
O2 EDO M . -25.89 -24.62 27.75
H11 EDO M . -24.51 -25.31 30.03
H12 EDO M . -24.61 -26.56 28.78
HO1 EDO M . -22.49 -26.46 29.76
H21 EDO M . -24.21 -23.56 28.38
H22 EDO M . -23.92 -24.74 27.09
HO2 EDO M . -26.13 -23.95 27.09
C1 EDO N . -7.92 -33.79 20.95
O1 EDO N . -6.60 -33.59 20.42
C2 EDO N . -8.78 -32.58 20.64
O2 EDO N . -10.14 -32.83 21.02
H11 EDO N . -7.86 -33.93 22.03
H12 EDO N . -8.36 -34.69 20.52
HO1 EDO N . -6.05 -34.36 20.61
H21 EDO N . -8.73 -32.37 19.56
H22 EDO N . -8.39 -31.71 21.17
HO2 EDO N . -10.67 -32.06 20.81
C1 EDO O . -12.79 -28.89 13.79
O1 EDO O . -11.78 -28.63 14.78
C2 EDO O . -12.76 -30.35 13.36
O2 EDO O . -11.44 -30.71 12.93
H11 EDO O . -12.62 -28.25 12.93
H12 EDO O . -13.77 -28.65 14.20
HO1 EDO O . -11.81 -27.71 15.04
H21 EDO O . -13.05 -30.99 14.20
H22 EDO O . -13.47 -30.51 12.55
HO2 EDO O . -11.43 -31.65 12.66
C1 FUC P . 7.88 -47.68 25.77
C2 FUC P . 8.06 -46.44 24.92
C3 FUC P . 8.77 -46.82 23.67
C4 FUC P . 8.08 -47.94 22.94
C5 FUC P . 7.83 -49.12 23.84
C6 FUC P . 7.02 -50.22 23.22
O1 FUC P . 9.13 -48.11 26.23
O2 FUC P . 8.78 -45.37 25.55
O3 FUC P . 8.87 -45.67 22.82
O4 FUC P . 6.85 -47.39 22.43
O5 FUC P . 7.16 -48.66 25.05
#